data_9DG3
#
_entry.id   9DG3
#
_cell.length_a   1.00
_cell.length_b   1.00
_cell.length_c   1.00
_cell.angle_alpha   90.00
_cell.angle_beta   90.00
_cell.angle_gamma   90.00
#
_symmetry.space_group_name_H-M   'P 1'
#
loop_
_entity.id
_entity.type
_entity.pdbx_description
1 polymer 'Histone H3.2'
2 polymer 'Histone H4'
3 polymer 'Histone H2A type 1'
4 polymer 'Histone H2B 1.1'
5 polymer 'Histone H2A type 1'
6 polymer 'DNA (187-MER)'
7 polymer 'DNA (187-MER)'
8 polymer 'RING1 and YY1-binding protein'
9 polymer Ubiquitin
10 non-polymer 'ZINC ION'
#
loop_
_entity_poly.entity_id
_entity_poly.type
_entity_poly.pdbx_seq_one_letter_code
_entity_poly.pdbx_strand_id
1 'polypeptide(L)'
;MARTKQTARKSTGGKAPRKQLATKAARKSAPATGGVKKPHRYRPGTVALREIRRYQKSTELLIRKLPFQRLVREIAQDFK
TDLRFQSSAVMALQEASEAYLVALFEDTNLCAIHAKRVTIMPKDIQLARRIRGERA
;
A,E
2 'polypeptide(L)'
;MSGRGKGGKGLGKGGAKRHRKVLRDNIQGITKPAIRRLARRGGVKRISGLIYEETRGVLKVFLENVIRDAVTYTEHAKRK
TVTAMDVVYALKRQGRTLYGFGG
;
B,F
3 'polypeptide(L)'
;MSGRGKQGGKTRAKAKTRSSRAGLQFPVGRVHRLLRKGNYAERVGAGAPVYLAAVLEYLTAEILELAGNAARDNKKTRII
PRHLQLAVRNDEELNKLLGRVTIAQGGVLPNIQSVLLPKKTESAKSAKSK
;
C
4 'polypeptide(L)'
;MPEPAKSAPAPKKGSKKAVTKTQKKDGKKRRKTRKESYAIYVYKVLKQVHPDTGISSKAMSIMNSFVNDVFERIAGEASR
LAHYNKRSTITSREIQTAVRLLLPGELAKHAVSEGTKAVTKYTSAK
;
D,H
5 'polypeptide(L)'
;MSGRGKQGGKTRAKAKTRSSRAGLQFPVGRVHRLLRKGNYAERVGAGAPVYLAAVLEYLTAEILELAGNAARDNKKTRII
PRHLQLAVRNDEELNKLLGRVTIAQGGVLPNIQSVLLPCKTESAKSAKSK
;
G
6 'polydeoxyribonucleotide'
;(DA)(DT)(DC)(DG)(DC)(DG)(DA)(DC)(DA)(DC)(DC)(DG)(DG)(DC)(DA)(DC)(DT)(DG)(DG)(DA)
(DA)(DC)(DA)(DG)(DG)(DA)(DT)(DG)(DT)(DA)(DT)(DA)(DT)(DA)(DT)(DC)(DT)(DG)(DA)(DC)
(DA)(DC)(DG)(DT)(DG)(DC)(DC)(DT)(DG)(DG)(DA)(DG)(DA)(DC)(DT)(DA)(DG)(DG)(DG)(DA)
(DG)(DT)(DA)(DA)(DT)(DC)(DC)(DC)(DC)(DT)(DT)(DG)(DG)(DC)(DG)(DG)(DT)(DT)(DA)(DA)
(DA)(DA)(DC)(DG)(DC)(DG)(DG)(DG)(DG)(DG)(DA)(DC)(DA)(DG)(DC)(DG)(DC)(DG)(DT)(DA)
(DC)(DG)(DT)(DG)(DC)(DG)(DT)(DT)(DT)(DA)(DA)(DG)(DC)(DG)(DG)(DT)(DG)(DC)(DT)(DA)
(DG)(DA)(DG)(DC)(DT)(DG)(DT)(DC)(DT)(DA)(DC)(DG)(DA)(DC)(DC)(DA)(DA)(DT)(DT)(DG)
(DA)(DG)(DC)(DG)(DG)(DC)(DC)(DT)(DC)(DG)(DG)(DC)(DA)(DC)(DC)(DG)(DG)(DG)(DA)(DT)
(DT)(DC)(DT)(DC)(DC)(DA)(DG)(DG)(DG)(DG)(DA)(DT)(DC)(DG)(DG)(DG)(DC)(DA)(DT)(DC)
(DA)(DC)(DC)(DC)(DG)(DA)(DT)
;
I
7 'polydeoxyribonucleotide'
;(DA)(DT)(DC)(DG)(DG)(DG)(DT)(DG)(DA)(DT)(DG)(DC)(DC)(DC)(DG)(DA)(DT)(DC)(DC)(DC)
(DC)(DT)(DG)(DG)(DA)(DG)(DA)(DA)(DT)(DC)(DC)(DC)(DG)(DG)(DT)(DG)(DC)(DC)(DG)(DA)
(DG)(DG)(DC)(DC)(DG)(DC)(DT)(DC)(DA)(DA)(DT)(DT)(DG)(DG)(DT)(DC)(DG)(DT)(DA)(DG)
(DA)(DC)(DA)(DG)(DC)(DT)(DC)(DT)(DA)(DG)(DC)(DA)(DC)(DC)(DG)(DC)(DT)(DT)(DA)(DA)
(DA)(DC)(DG)(DC)(DA)(DC)(DG)(DT)(DA)(DC)(DG)(DC)(DG)(DC)(DT)(DG)(DT)(DC)(DC)(DC)
(DC)(DC)(DG)(DC)(DG)(DT)(DT)(DT)(DT)(DA)(DA)(DC)(DC)(DG)(DC)(DC)(DA)(DA)(DG)(DG)
(DG)(DG)(DA)(DT)(DT)(DA)(DC)(DT)(DC)(DC)(DC)(DT)(DA)(DG)(DT)(DC)(DT)(DC)(DC)(DA)
(DG)(DG)(DC)(DA)(DC)(DG)(DT)(DG)(DT)(DC)(DA)(DG)(DA)(DT)(DA)(DT)(DA)(DT)(DA)(DC)
(DA)(DT)(DC)(DC)(DT)(DG)(DT)(DT)(DC)(DC)(DA)(DG)(DT)(DG)(DC)(DC)(DG)(DG)(DT)(DG)
(DT)(DC)(DG)(DC)(DG)(DA)(DT)
;
J
8 'polypeptide(L)'
;MTMGDKKSPTRPKRQAKPAADEGFWDCSVCTFRNSAEAFKCSICDVRKGTSTRKPRINSQLVAQQVAQQYATPPPPKKEK
KEKVEKQDKEKPEKDKEISPSVTKKNTNKKTKPKSDILKDPPSEANSIQSANATTKTSETNHTSRPRLKNVDRSTAQQLA
VTVGNVTVIITDFKEKTRSSSTSSSTVTSSAGSEQQNQSSSGSESTDKGSSRSSTPKGDMSAVNDESF
;
M
9 'polypeptide(L)' MQIFVKTLTGKTITLEVEPSDTIENVKAKIQDKEGIPPDQQRLIFAGKQLEDGRTLSDYNIQKESTLHLVLRLRGC N
#
# COMPACT_ATOMS: atom_id res chain seq x y z
N ARG A 41 32.15 -21.41 26.89
CA ARG A 41 30.72 -21.55 26.67
C ARG A 41 30.09 -20.18 26.68
N TYR A 42 29.22 -19.91 25.70
CA TYR A 42 28.50 -18.66 25.64
C TYR A 42 27.15 -18.79 26.33
N ARG A 43 26.73 -17.72 26.99
CA ARG A 43 25.38 -17.66 27.53
C ARG A 43 24.39 -17.63 26.37
N PRO A 44 23.24 -18.31 26.52
CA PRO A 44 22.20 -18.22 25.48
C PRO A 44 21.78 -16.78 25.25
N GLY A 45 21.60 -16.44 23.98
CA GLY A 45 21.23 -15.10 23.58
C GLY A 45 22.30 -14.34 22.82
N THR A 46 23.57 -14.46 23.23
CA THR A 46 24.64 -13.76 22.54
C THR A 46 24.87 -14.33 21.14
N VAL A 47 24.88 -15.66 21.03
CA VAL A 47 25.01 -16.30 19.73
C VAL A 47 23.83 -15.93 18.84
N ALA A 48 22.63 -15.89 19.42
CA ALA A 48 21.44 -15.50 18.66
C ALA A 48 21.56 -14.06 18.17
N LEU A 49 22.04 -13.15 19.02
CA LEU A 49 22.20 -11.76 18.61
C LEU A 49 23.23 -11.62 17.51
N ARG A 50 24.35 -12.34 17.61
CA ARG A 50 25.34 -12.33 16.54
C ARG A 50 24.78 -12.88 15.25
N GLU A 51 23.98 -13.94 15.33
CA GLU A 51 23.33 -14.50 14.15
C GLU A 51 22.38 -13.48 13.53
N ILE A 52 21.65 -12.75 14.37
CA ILE A 52 20.73 -11.72 13.89
C ILE A 52 21.50 -10.64 13.14
N ARG A 53 22.61 -10.18 13.73
CA ARG A 53 23.42 -9.16 13.06
C ARG A 53 23.96 -9.65 11.73
N ARG A 54 24.49 -10.88 11.70
CA ARG A 54 25.07 -11.42 10.49
C ARG A 54 24.03 -11.56 9.39
N TYR A 55 22.86 -12.10 9.73
CA TYR A 55 21.85 -12.34 8.71
C TYR A 55 21.15 -11.05 8.28
N GLN A 56 21.12 -10.04 9.15
CA GLN A 56 20.61 -8.75 8.71
C GLN A 56 21.60 -8.03 7.80
N LYS A 57 22.90 -8.18 8.06
CA LYS A 57 23.90 -7.55 7.20
C LYS A 57 24.14 -8.33 5.92
N SER A 58 23.75 -9.59 5.84
CA SER A 58 23.93 -10.40 4.65
C SER A 58 22.64 -10.41 3.82
N THR A 59 22.78 -10.84 2.57
CA THR A 59 21.67 -10.79 1.62
C THR A 59 21.46 -12.09 0.84
N GLU A 60 22.23 -13.14 1.14
CA GLU A 60 22.11 -14.39 0.41
C GLU A 60 20.79 -15.08 0.74
N LEU A 61 20.46 -16.11 -0.04
CA LEU A 61 19.23 -16.87 0.17
C LEU A 61 19.39 -17.81 1.36
N LEU A 62 18.29 -18.08 2.05
CA LEU A 62 18.32 -18.84 3.29
C LEU A 62 17.64 -20.20 3.20
N ILE A 63 16.94 -20.49 2.11
CA ILE A 63 16.28 -21.78 1.92
C ILE A 63 17.03 -22.56 0.85
N ARG A 64 17.24 -23.84 1.12
CA ARG A 64 17.97 -24.71 0.20
C ARG A 64 17.21 -24.86 -1.11
N LYS A 65 17.96 -24.69 -2.21
CA LYS A 65 17.36 -24.52 -3.52
C LYS A 65 16.56 -25.75 -3.93
N LEU A 66 17.17 -26.93 -3.84
CA LEU A 66 16.49 -28.16 -4.25
C LEU A 66 15.27 -28.47 -3.39
N PRO A 67 15.32 -28.42 -2.04
CA PRO A 67 14.08 -28.61 -1.28
C PRO A 67 13.01 -27.60 -1.60
N PHE A 68 13.37 -26.32 -1.80
CA PHE A 68 12.35 -25.35 -2.15
C PHE A 68 11.75 -25.62 -3.52
N GLN A 69 12.58 -26.02 -4.48
CA GLN A 69 12.08 -26.37 -5.81
C GLN A 69 11.15 -27.57 -5.75
N ARG A 70 11.50 -28.57 -4.95
CA ARG A 70 10.64 -29.74 -4.84
C ARG A 70 9.33 -29.39 -4.15
N LEU A 71 9.36 -28.48 -3.18
CA LEU A 71 8.13 -28.01 -2.56
C LEU A 71 7.25 -27.29 -3.58
N VAL A 72 7.85 -26.44 -4.40
CA VAL A 72 7.10 -25.72 -5.42
C VAL A 72 6.47 -26.68 -6.40
N ARG A 73 7.23 -27.68 -6.85
CA ARG A 73 6.70 -28.65 -7.80
C ARG A 73 5.59 -29.48 -7.17
N GLU A 74 5.75 -29.87 -5.89
CA GLU A 74 4.70 -30.61 -5.21
C GLU A 74 3.41 -29.80 -5.15
N ILE A 75 3.51 -28.52 -4.82
CA ILE A 75 2.31 -27.68 -4.79
C ILE A 75 1.72 -27.54 -6.18
N ALA A 76 2.57 -27.46 -7.20
CA ALA A 76 2.08 -27.33 -8.57
C ALA A 76 1.44 -28.62 -9.08
N GLN A 77 1.74 -29.75 -8.45
CA GLN A 77 1.20 -31.04 -8.89
C GLN A 77 -0.33 -31.10 -8.79
N ASP A 78 -0.91 -30.30 -7.92
CA ASP A 78 -2.35 -30.32 -7.69
C ASP A 78 -3.13 -29.56 -8.76
N PHE A 79 -2.64 -28.40 -9.16
CA PHE A 79 -3.37 -27.55 -10.10
C PHE A 79 -3.28 -28.10 -11.51
N LYS A 80 -2.07 -28.21 -12.05
CA LYS A 80 -1.84 -28.83 -13.34
C LYS A 80 -0.92 -30.03 -13.16
N THR A 81 -0.71 -30.78 -14.24
CA THR A 81 0.16 -31.94 -14.22
C THR A 81 1.20 -31.80 -15.33
N ASP A 82 2.37 -32.39 -15.11
CA ASP A 82 3.50 -32.32 -16.05
C ASP A 82 3.90 -30.88 -16.34
N LEU A 83 3.80 -30.03 -15.32
CA LEU A 83 4.27 -28.66 -15.46
C LEU A 83 5.79 -28.60 -15.42
N ARG A 84 6.34 -27.68 -16.20
CA ARG A 84 7.76 -27.40 -16.20
C ARG A 84 7.98 -25.97 -15.71
N PHE A 85 9.15 -25.72 -15.16
CA PHE A 85 9.45 -24.44 -14.52
C PHE A 85 10.75 -23.87 -15.06
N GLN A 86 10.75 -22.55 -15.30
CA GLN A 86 12.00 -21.84 -15.52
C GLN A 86 12.77 -21.76 -14.21
N SER A 87 14.10 -21.81 -14.29
CA SER A 87 14.91 -21.67 -13.08
C SER A 87 14.70 -20.31 -12.44
N SER A 88 14.63 -19.26 -13.25
CA SER A 88 14.32 -17.94 -12.74
C SER A 88 12.94 -17.89 -12.08
N ALA A 89 12.00 -18.74 -12.50
CA ALA A 89 10.68 -18.74 -11.89
C ALA A 89 10.76 -19.18 -10.43
N VAL A 90 11.41 -20.31 -10.17
CA VAL A 90 11.54 -20.76 -8.79
C VAL A 90 12.47 -19.84 -8.01
N MET A 91 13.42 -19.18 -8.68
CA MET A 91 14.26 -18.21 -7.99
C MET A 91 13.43 -17.02 -7.49
N ALA A 92 12.58 -16.47 -8.36
CA ALA A 92 11.72 -15.37 -7.97
C ALA A 92 10.72 -15.80 -6.91
N LEU A 93 10.22 -17.03 -7.03
CA LEU A 93 9.33 -17.59 -6.01
C LEU A 93 10.02 -17.64 -4.65
N GLN A 94 11.28 -18.08 -4.64
CA GLN A 94 12.02 -18.14 -3.38
C GLN A 94 12.26 -16.75 -2.83
N GLU A 95 12.56 -15.78 -3.70
CA GLU A 95 12.72 -14.40 -3.26
C GLU A 95 11.45 -13.90 -2.56
N ALA A 96 10.29 -14.15 -3.19
CA ALA A 96 9.03 -13.74 -2.60
C ALA A 96 8.78 -14.42 -1.27
N SER A 97 9.03 -15.72 -1.19
CA SER A 97 8.81 -16.44 0.06
C SER A 97 9.73 -15.93 1.16
N GLU A 98 11.00 -15.68 0.82
CA GLU A 98 11.95 -15.14 1.78
C GLU A 98 11.45 -13.81 2.33
N ALA A 99 11.08 -12.89 1.44
CA ALA A 99 10.67 -11.57 1.88
C ALA A 99 9.41 -11.63 2.72
N TYR A 100 8.44 -12.43 2.30
CA TYR A 100 7.17 -12.50 3.04
C TYR A 100 7.39 -13.12 4.42
N LEU A 101 8.19 -14.18 4.50
CA LEU A 101 8.46 -14.81 5.79
C LEU A 101 9.26 -13.88 6.70
N VAL A 102 10.21 -13.13 6.15
CA VAL A 102 10.99 -12.21 6.97
C VAL A 102 10.09 -11.10 7.51
N ALA A 103 9.21 -10.56 6.67
CA ALA A 103 8.28 -9.53 7.14
C ALA A 103 7.34 -10.08 8.21
N LEU A 104 6.84 -11.30 8.03
CA LEU A 104 5.97 -11.90 9.02
C LEU A 104 6.71 -12.13 10.34
N PHE A 105 7.97 -12.58 10.27
CA PHE A 105 8.74 -12.79 11.48
C PHE A 105 9.03 -11.49 12.22
N GLU A 106 9.33 -10.42 11.47
CA GLU A 106 9.51 -9.11 12.10
C GLU A 106 8.22 -8.67 12.79
N ASP A 107 7.09 -8.85 12.11
CA ASP A 107 5.80 -8.47 12.68
C ASP A 107 5.51 -9.25 13.96
N THR A 108 5.82 -10.55 13.96
CA THR A 108 5.54 -11.35 15.14
C THR A 108 6.50 -11.05 16.26
N ASN A 109 7.74 -10.66 15.93
CA ASN A 109 8.65 -10.20 16.98
C ASN A 109 8.11 -8.94 17.65
N LEU A 110 7.58 -8.01 16.85
CA LEU A 110 6.92 -6.84 17.43
C LEU A 110 5.73 -7.23 18.31
N CYS A 111 4.92 -8.18 17.85
CA CYS A 111 3.81 -8.64 18.68
C CYS A 111 4.30 -9.24 19.99
N ALA A 112 5.39 -10.02 19.92
CA ALA A 112 5.90 -10.69 21.11
C ALA A 112 6.43 -9.69 22.13
N ILE A 113 7.18 -8.67 21.68
CA ILE A 113 7.67 -7.69 22.64
C ILE A 113 6.50 -6.87 23.17
N HIS A 114 5.49 -6.61 22.34
CA HIS A 114 4.29 -5.95 22.83
C HIS A 114 3.63 -6.75 23.95
N ALA A 115 3.66 -8.07 23.86
CA ALA A 115 3.11 -8.92 24.91
C ALA A 115 4.10 -9.17 26.05
N LYS A 116 5.12 -8.32 26.19
CA LYS A 116 6.13 -8.43 27.24
C LYS A 116 6.86 -9.77 27.20
N ARG A 117 7.18 -10.24 26.01
CA ARG A 117 7.88 -11.51 25.80
C ARG A 117 8.98 -11.33 24.76
N VAL A 118 9.97 -12.21 24.82
CA VAL A 118 11.03 -12.25 23.81
C VAL A 118 10.99 -13.53 22.99
N THR A 119 10.04 -14.43 23.26
CA THR A 119 9.90 -15.68 22.53
C THR A 119 8.58 -15.65 21.78
N ILE A 120 8.62 -15.96 20.48
CA ILE A 120 7.39 -15.93 19.69
C ILE A 120 6.70 -17.28 19.74
N MET A 121 5.38 -17.28 19.61
CA MET A 121 4.57 -18.49 19.44
C MET A 121 3.48 -18.31 18.39
N PRO A 122 2.86 -19.40 17.94
CA PRO A 122 1.79 -19.28 16.95
C PRO A 122 0.63 -18.39 17.36
N LYS A 123 0.46 -18.09 18.65
CA LYS A 123 -0.48 -17.03 19.00
C LYS A 123 -0.04 -15.69 18.41
N ASP A 124 1.25 -15.38 18.52
CA ASP A 124 1.78 -14.19 17.86
C ASP A 124 1.64 -14.29 16.34
N ILE A 125 1.92 -15.47 15.79
CA ILE A 125 1.80 -15.66 14.34
C ILE A 125 0.38 -15.33 13.87
N GLN A 126 -0.61 -15.93 14.53
CA GLN A 126 -2.01 -15.77 14.13
C GLN A 126 -2.48 -14.34 14.36
N LEU A 127 -2.02 -13.71 15.45
CA LEU A 127 -2.38 -12.31 15.68
C LEU A 127 -1.86 -11.42 14.55
N ALA A 128 -0.59 -11.60 14.18
CA ALA A 128 -0.01 -10.77 13.13
C ALA A 128 -0.74 -10.99 11.80
N ARG A 129 -1.02 -12.25 11.46
CA ARG A 129 -1.74 -12.51 10.22
C ARG A 129 -3.17 -11.95 10.25
N ARG A 130 -3.86 -12.08 11.39
CA ARG A 130 -5.22 -11.57 11.49
C ARG A 130 -5.26 -10.06 11.30
N ILE A 131 -4.34 -9.34 11.93
CA ILE A 131 -4.39 -7.88 11.81
C ILE A 131 -3.87 -7.43 10.46
N ARG A 132 -2.95 -8.18 9.86
CA ARG A 132 -2.57 -7.89 8.47
C ARG A 132 -3.73 -8.10 7.51
N GLY A 133 -4.60 -9.07 7.78
CA GLY A 133 -5.79 -9.26 6.99
C GLY A 133 -5.84 -10.50 6.13
N GLU A 134 -5.06 -11.53 6.46
CA GLU A 134 -5.11 -12.79 5.73
C GLU A 134 -5.96 -13.85 6.41
N ARG A 135 -6.29 -13.67 7.68
CA ARG A 135 -7.10 -14.64 8.41
C ARG A 135 -8.43 -14.04 8.82
N HIS B 19 6.24 -39.80 -17.19
CA HIS B 19 7.70 -39.79 -16.96
C HIS B 19 8.00 -39.09 -15.63
N ARG B 20 7.01 -38.37 -15.10
CA ARG B 20 7.20 -37.61 -13.83
C ARG B 20 6.38 -38.28 -12.72
N LYS B 21 7.03 -39.12 -11.90
CA LYS B 21 6.34 -39.80 -10.78
C LYS B 21 5.91 -38.75 -9.75
N VAL B 22 4.71 -38.92 -9.16
CA VAL B 22 4.21 -37.95 -8.13
C VAL B 22 5.13 -38.02 -6.91
N LEU B 23 5.25 -36.91 -6.16
CA LEU B 23 6.16 -36.87 -4.98
C LEU B 23 5.38 -36.37 -3.76
N ARG B 24 5.02 -37.28 -2.84
CA ARG B 24 4.35 -36.84 -1.62
C ARG B 24 5.37 -36.71 -0.50
N ASP B 25 4.92 -36.07 0.60
CA ASP B 25 5.67 -35.93 1.83
C ASP B 25 7.03 -35.27 1.59
N ASN B 26 7.01 -34.04 1.08
CA ASN B 26 8.22 -33.28 0.88
C ASN B 26 8.26 -32.00 1.70
N ILE B 27 7.11 -31.47 2.14
CA ILE B 27 7.16 -30.25 2.92
C ILE B 27 7.51 -30.69 4.34
N GLN B 28 8.78 -31.02 4.51
CA GLN B 28 9.50 -31.08 5.76
C GLN B 28 10.90 -30.62 5.40
N GLY B 29 11.07 -30.33 4.11
CA GLY B 29 12.32 -29.77 3.60
C GLY B 29 12.55 -28.33 3.98
N ILE B 30 11.49 -27.64 4.42
CA ILE B 30 11.64 -26.33 5.04
C ILE B 30 12.07 -26.62 6.47
N THR B 31 13.37 -26.66 6.69
CA THR B 31 13.88 -27.26 7.91
C THR B 31 13.95 -26.26 9.05
N LYS B 32 14.08 -26.81 10.26
CA LYS B 32 14.19 -25.97 11.46
C LYS B 32 15.38 -25.01 11.43
N PRO B 33 16.59 -25.42 11.02
CA PRO B 33 17.64 -24.40 10.88
C PRO B 33 17.30 -23.31 9.87
N ALA B 34 16.62 -23.65 8.77
CA ALA B 34 16.27 -22.62 7.79
C ALA B 34 15.26 -21.63 8.36
N ILE B 35 14.26 -22.14 9.07
CA ILE B 35 13.27 -21.25 9.69
C ILE B 35 13.93 -20.41 10.78
N ARG B 36 14.88 -21.01 11.52
CA ARG B 36 15.61 -20.26 12.52
C ARG B 36 16.43 -19.14 11.88
N ARG B 37 17.07 -19.42 10.76
CA ARG B 37 17.83 -18.40 10.05
C ARG B 37 16.91 -17.28 9.57
N LEU B 38 15.74 -17.65 9.06
CA LEU B 38 14.77 -16.63 8.63
C LEU B 38 14.35 -15.76 9.79
N ALA B 39 14.09 -16.37 10.95
CA ALA B 39 13.74 -15.58 12.13
C ALA B 39 14.89 -14.68 12.55
N ARG B 40 16.12 -15.18 12.45
CA ARG B 40 17.29 -14.38 12.81
C ARG B 40 17.42 -13.16 11.89
N ARG B 41 17.17 -13.36 10.59
CA ARG B 41 17.13 -12.22 9.68
C ARG B 41 16.01 -11.25 10.03
N GLY B 42 14.84 -11.78 10.39
CA GLY B 42 13.73 -10.93 10.77
C GLY B 42 13.87 -10.23 12.09
N GLY B 43 14.95 -10.49 12.83
CA GLY B 43 15.14 -9.86 14.12
C GLY B 43 14.42 -10.54 15.26
N VAL B 44 14.26 -11.85 15.21
CA VAL B 44 13.53 -12.61 16.23
C VAL B 44 14.56 -13.18 17.20
N LYS B 45 14.32 -12.97 18.50
CA LYS B 45 15.30 -13.36 19.50
C LYS B 45 15.14 -14.83 19.90
N ARG B 46 13.92 -15.24 20.24
CA ARG B 46 13.69 -16.57 20.79
C ARG B 46 12.51 -17.26 20.11
N ILE B 47 12.70 -18.54 19.81
CA ILE B 47 11.79 -19.32 18.98
C ILE B 47 11.20 -20.43 19.81
N SER B 48 9.87 -20.59 19.75
CA SER B 48 9.22 -21.69 20.46
C SER B 48 9.25 -22.96 19.62
N GLY B 49 8.67 -24.02 20.19
CA GLY B 49 8.67 -25.30 19.50
C GLY B 49 7.81 -25.35 18.26
N LEU B 50 6.64 -24.71 18.30
CA LEU B 50 5.65 -24.87 17.23
C LEU B 50 5.83 -23.88 16.09
N ILE B 51 6.84 -23.00 16.17
CA ILE B 51 7.06 -22.02 15.12
C ILE B 51 7.36 -22.71 13.80
N TYR B 52 8.11 -23.82 13.86
CA TYR B 52 8.49 -24.50 12.64
C TYR B 52 7.27 -25.06 11.91
N GLU B 53 6.39 -25.74 12.62
CA GLU B 53 5.17 -26.25 12.00
C GLU B 53 4.27 -25.11 11.51
N GLU B 54 4.17 -24.05 12.33
CA GLU B 54 3.36 -22.88 11.93
C GLU B 54 3.97 -22.26 10.65
N THR B 55 5.28 -22.02 10.65
CA THR B 55 5.94 -21.37 9.49
C THR B 55 5.72 -22.23 8.25
N ARG B 56 5.97 -23.53 8.35
CA ARG B 56 5.84 -24.43 7.18
C ARG B 56 4.41 -24.31 6.62
N GLY B 57 3.41 -24.35 7.51
CA GLY B 57 2.00 -24.26 7.06
C GLY B 57 1.72 -22.97 6.32
N VAL B 58 2.06 -21.83 6.92
CA VAL B 58 1.75 -20.51 6.29
C VAL B 58 2.55 -20.40 4.98
N LEU B 59 3.80 -20.87 4.98
CA LEU B 59 4.63 -20.81 3.75
C LEU B 59 3.95 -21.62 2.64
N LYS B 60 3.48 -22.83 2.97
CA LYS B 60 2.78 -23.68 1.96
C LYS B 60 1.56 -22.91 1.43
N VAL B 61 0.78 -22.32 2.33
CA VAL B 61 -0.45 -21.58 1.91
C VAL B 61 -0.04 -20.44 0.96
N PHE B 62 1.00 -19.68 1.32
CA PHE B 62 1.45 -18.54 0.47
C PHE B 62 1.82 -19.07 -0.91
N LEU B 63 2.66 -20.10 -0.96
CA LEU B 63 3.08 -20.68 -2.26
C LEU B 63 1.85 -21.20 -3.01
N GLU B 64 0.97 -21.93 -2.32
CA GLU B 64 -0.22 -22.52 -2.98
C GLU B 64 -1.03 -21.41 -3.66
N ASN B 65 -1.30 -20.32 -2.95
CA ASN B 65 -2.09 -19.20 -3.53
C ASN B 65 -1.34 -18.65 -4.74
N VAL B 66 -0.04 -18.37 -4.58
CA VAL B 66 0.78 -17.83 -5.69
C VAL B 66 0.75 -18.82 -6.87
N ILE B 67 1.03 -20.10 -6.60
CA ILE B 67 1.09 -21.07 -7.69
C ILE B 67 -0.25 -21.16 -8.40
N ARG B 68 -1.36 -21.08 -7.67
CA ARG B 68 -2.66 -21.12 -8.33
C ARG B 68 -2.81 -19.97 -9.31
N ASP B 69 -2.44 -18.76 -8.88
CA ASP B 69 -2.50 -17.62 -9.79
C ASP B 69 -1.54 -17.78 -10.97
N ALA B 70 -0.31 -18.23 -10.70
CA ALA B 70 0.69 -18.34 -11.75
C ALA B 70 0.29 -19.38 -12.79
N VAL B 71 -0.20 -20.53 -12.35
CA VAL B 71 -0.59 -21.57 -13.30
C VAL B 71 -1.86 -21.16 -14.03
N THR B 72 -2.72 -20.36 -13.41
CA THR B 72 -3.85 -19.82 -14.16
C THR B 72 -3.37 -18.95 -15.31
N TYR B 73 -2.39 -18.08 -15.04
CA TYR B 73 -1.75 -17.31 -16.11
C TYR B 73 -1.17 -18.23 -17.18
N THR B 74 -0.48 -19.30 -16.76
CA THR B 74 0.20 -20.15 -17.70
C THR B 74 -0.78 -20.90 -18.60
N GLU B 75 -1.84 -21.48 -18.01
CA GLU B 75 -2.87 -22.13 -18.83
C GLU B 75 -3.56 -21.13 -19.74
N HIS B 76 -3.69 -19.88 -19.30
CA HIS B 76 -4.21 -18.87 -20.22
C HIS B 76 -3.28 -18.64 -21.39
N ALA B 77 -1.98 -18.64 -21.15
CA ALA B 77 -1.00 -18.44 -22.22
C ALA B 77 -0.83 -19.66 -23.10
N LYS B 78 -1.58 -20.74 -22.86
CA LYS B 78 -1.50 -22.00 -23.60
C LYS B 78 -0.07 -22.56 -23.59
N ARG B 79 0.64 -22.38 -22.50
CA ARG B 79 1.99 -22.89 -22.36
C ARG B 79 2.02 -24.00 -21.33
N LYS B 80 3.19 -24.59 -21.13
CA LYS B 80 3.39 -25.61 -20.11
C LYS B 80 4.57 -25.30 -19.20
N THR B 81 5.29 -24.21 -19.44
CA THR B 81 6.42 -23.80 -18.62
C THR B 81 6.05 -22.55 -17.85
N VAL B 82 5.94 -22.68 -16.53
CA VAL B 82 5.67 -21.52 -15.68
C VAL B 82 6.92 -20.65 -15.67
N THR B 83 6.74 -19.35 -15.91
CA THR B 83 7.85 -18.44 -16.11
C THR B 83 8.01 -17.49 -14.92
N ALA B 84 9.24 -16.98 -14.77
CA ALA B 84 9.50 -15.95 -13.76
C ALA B 84 8.64 -14.72 -14.02
N MET B 85 8.40 -14.41 -15.30
CA MET B 85 7.44 -13.36 -15.62
C MET B 85 6.11 -13.62 -14.96
N ASP B 86 5.55 -14.82 -15.12
CA ASP B 86 4.24 -15.13 -14.55
C ASP B 86 4.29 -15.07 -13.02
N VAL B 87 5.43 -15.44 -12.44
CA VAL B 87 5.56 -15.29 -10.99
C VAL B 87 5.39 -13.82 -10.59
N VAL B 88 6.08 -12.92 -11.29
CA VAL B 88 5.93 -11.48 -11.00
C VAL B 88 4.52 -11.01 -11.34
N TYR B 89 3.92 -11.59 -12.37
CA TYR B 89 2.54 -11.28 -12.74
C TYR B 89 1.61 -11.50 -11.55
N ALA B 90 1.68 -12.70 -10.97
CA ALA B 90 0.82 -13.05 -9.85
C ALA B 90 1.17 -12.23 -8.62
N LEU B 91 2.46 -11.95 -8.43
CA LEU B 91 2.88 -11.16 -7.27
C LEU B 91 2.32 -9.75 -7.34
N LYS B 92 2.38 -9.12 -8.52
CA LYS B 92 1.80 -7.79 -8.68
C LYS B 92 0.28 -7.84 -8.53
N ARG B 93 -0.33 -8.94 -8.98
CA ARG B 93 -1.75 -9.14 -8.70
C ARG B 93 -2.04 -9.15 -7.20
N GLN B 94 -1.16 -9.77 -6.42
CA GLN B 94 -1.35 -9.87 -4.98
C GLN B 94 -0.90 -8.65 -4.21
N GLY B 95 -0.32 -7.65 -4.89
CA GLY B 95 0.29 -6.55 -4.17
C GLY B 95 1.66 -6.85 -3.63
N ARG B 96 2.24 -7.99 -4.02
CA ARG B 96 3.56 -8.42 -3.57
C ARG B 96 4.61 -8.23 -4.65
N THR B 97 4.56 -7.13 -5.39
CA THR B 97 5.37 -6.94 -6.59
C THR B 97 6.86 -7.11 -6.30
N LEU B 98 7.54 -7.77 -7.24
CA LEU B 98 8.92 -8.21 -7.05
C LEU B 98 9.78 -7.63 -8.17
N TYR B 99 11.00 -7.24 -7.82
CA TYR B 99 11.85 -6.47 -8.72
C TYR B 99 13.10 -7.26 -9.11
N GLY B 100 13.63 -6.93 -10.28
CA GLY B 100 14.85 -7.55 -10.78
C GLY B 100 14.60 -8.76 -11.66
N PHE B 101 13.35 -9.17 -11.82
CA PHE B 101 13.04 -10.37 -12.57
C PHE B 101 12.22 -10.10 -13.82
N GLY B 102 11.98 -8.83 -14.15
CA GLY B 102 11.22 -8.49 -15.34
C GLY B 102 9.91 -7.78 -15.02
N ALA C 13 -36.23 -6.94 -39.89
CA ALA C 13 -36.26 -8.10 -39.00
C ALA C 13 -36.74 -7.68 -37.61
N LYS C 14 -37.36 -8.64 -36.90
CA LYS C 14 -37.84 -8.36 -35.55
C LYS C 14 -36.68 -8.15 -34.59
N ALA C 15 -36.84 -7.18 -33.69
CA ALA C 15 -35.79 -6.85 -32.73
C ALA C 15 -35.74 -7.90 -31.63
N LYS C 16 -34.54 -8.38 -31.32
CA LYS C 16 -34.33 -9.34 -30.25
C LYS C 16 -33.03 -9.00 -29.53
N THR C 17 -33.14 -8.61 -28.26
CA THR C 17 -31.98 -8.15 -27.51
C THR C 17 -30.98 -9.28 -27.28
N ARG C 18 -29.70 -8.89 -27.20
CA ARG C 18 -28.65 -9.87 -26.96
C ARG C 18 -28.79 -10.54 -25.60
N SER C 19 -29.34 -9.81 -24.62
CA SER C 19 -29.63 -10.43 -23.33
C SER C 19 -30.67 -11.54 -23.48
N SER C 20 -31.70 -11.32 -24.29
CA SER C 20 -32.66 -12.37 -24.56
C SER C 20 -32.03 -13.53 -25.32
N ARG C 21 -31.12 -13.22 -26.26
CA ARG C 21 -30.43 -14.28 -26.98
C ARG C 21 -29.60 -15.15 -26.06
N ALA C 22 -28.89 -14.54 -25.10
CA ALA C 22 -28.07 -15.27 -24.15
C ALA C 22 -28.86 -15.78 -22.95
N GLY C 23 -30.14 -15.47 -22.86
CA GLY C 23 -30.92 -15.84 -21.69
C GLY C 23 -30.43 -15.18 -20.43
N LEU C 24 -30.04 -13.91 -20.52
CA LEU C 24 -29.50 -13.15 -19.40
C LEU C 24 -30.40 -11.97 -19.10
N GLN C 25 -30.45 -11.60 -17.82
CA GLN C 25 -31.21 -10.42 -17.43
C GLN C 25 -30.36 -9.15 -17.48
N PHE C 26 -29.04 -9.29 -17.60
CA PHE C 26 -28.15 -8.16 -17.57
C PHE C 26 -27.99 -7.55 -18.96
N PRO C 27 -27.66 -6.25 -19.04
CA PRO C 27 -27.57 -5.57 -20.34
C PRO C 27 -26.30 -5.90 -21.12
N VAL C 28 -26.35 -6.96 -21.93
CA VAL C 28 -25.18 -7.35 -22.73
C VAL C 28 -24.73 -6.18 -23.61
N GLY C 29 -25.68 -5.48 -24.23
CA GLY C 29 -25.33 -4.36 -25.07
C GLY C 29 -24.65 -3.24 -24.32
N ARG C 30 -25.18 -2.89 -23.15
CA ARG C 30 -24.57 -1.83 -22.34
C ARG C 30 -23.19 -2.25 -21.86
N VAL C 31 -23.02 -3.52 -21.50
CA VAL C 31 -21.71 -4.02 -21.08
C VAL C 31 -20.72 -3.90 -22.22
N HIS C 32 -21.14 -4.25 -23.44
CA HIS C 32 -20.27 -4.10 -24.60
C HIS C 32 -19.91 -2.64 -24.85
N ARG C 33 -20.89 -1.75 -24.65
CA ARG C 33 -20.62 -0.32 -24.83
C ARG C 33 -19.61 0.19 -23.83
N LEU C 34 -19.74 -0.21 -22.57
CA LEU C 34 -18.75 0.20 -21.58
C LEU C 34 -17.40 -0.45 -21.84
N LEU C 35 -17.39 -1.63 -22.45
CA LEU C 35 -16.13 -2.27 -22.78
C LEU C 35 -15.39 -1.50 -23.86
N ARG C 36 -16.06 -1.17 -24.96
CA ARG C 36 -15.35 -0.45 -26.02
C ARG C 36 -15.10 1.01 -25.65
N LYS C 37 -16.10 1.69 -25.10
CA LYS C 37 -15.98 3.11 -24.78
C LYS C 37 -15.24 3.36 -23.47
N GLY C 38 -14.94 2.33 -22.70
CA GLY C 38 -14.10 2.44 -21.53
C GLY C 38 -12.63 2.19 -21.81
N ASN C 39 -12.25 2.14 -23.09
CA ASN C 39 -10.87 1.96 -23.60
C ASN C 39 -10.03 0.99 -22.77
N TYR C 40 -10.61 -0.17 -22.44
CA TYR C 40 -9.81 -1.24 -21.86
C TYR C 40 -8.95 -1.92 -22.92
N ALA C 41 -9.49 -2.12 -24.12
CA ALA C 41 -8.73 -2.69 -25.21
C ALA C 41 -9.26 -2.15 -26.53
N GLU C 42 -8.39 -2.18 -27.53
CA GLU C 42 -8.70 -1.53 -28.80
C GLU C 42 -9.62 -2.37 -29.68
N ARG C 43 -9.72 -3.67 -29.41
CA ARG C 43 -10.81 -4.49 -29.95
C ARG C 43 -11.40 -5.37 -28.86
N VAL C 44 -12.71 -5.53 -28.89
CA VAL C 44 -13.44 -6.36 -27.93
C VAL C 44 -14.17 -7.45 -28.70
N GLY C 45 -13.96 -8.70 -28.29
CA GLY C 45 -14.61 -9.81 -28.96
C GLY C 45 -16.10 -9.86 -28.71
N ALA C 46 -16.79 -10.56 -29.62
CA ALA C 46 -18.24 -10.66 -29.53
C ALA C 46 -18.71 -11.46 -28.32
N GLY C 47 -17.98 -12.51 -27.94
CA GLY C 47 -18.41 -13.31 -26.80
C GLY C 47 -18.05 -12.71 -25.46
N ALA C 48 -17.17 -11.70 -25.45
CA ALA C 48 -16.73 -11.09 -24.19
C ALA C 48 -17.86 -10.43 -23.39
N PRO C 49 -18.72 -9.57 -23.97
CA PRO C 49 -19.78 -8.97 -23.14
C PRO C 49 -20.77 -9.97 -22.56
N VAL C 50 -21.05 -11.06 -23.27
CA VAL C 50 -22.03 -12.04 -22.80
C VAL C 50 -21.53 -12.70 -21.52
N TYR C 51 -20.26 -13.12 -21.53
CA TYR C 51 -19.65 -13.78 -20.38
C TYR C 51 -19.63 -12.84 -19.18
N LEU C 52 -19.27 -11.57 -19.43
CA LEU C 52 -19.21 -10.59 -18.35
C LEU C 52 -20.59 -10.32 -17.77
N ALA C 53 -21.61 -10.21 -18.63
CA ALA C 53 -22.97 -10.04 -18.13
C ALA C 53 -23.40 -11.25 -17.32
N ALA C 54 -23.02 -12.45 -17.76
CA ALA C 54 -23.39 -13.65 -17.01
C ALA C 54 -22.76 -13.68 -15.63
N VAL C 55 -21.46 -13.37 -15.52
CA VAL C 55 -20.81 -13.44 -14.21
C VAL C 55 -21.34 -12.33 -13.30
N LEU C 56 -21.59 -11.15 -13.88
CA LEU C 56 -22.19 -10.08 -13.08
C LEU C 56 -23.57 -10.48 -12.57
N GLU C 57 -24.38 -11.08 -13.43
CA GLU C 57 -25.72 -11.52 -13.02
C GLU C 57 -25.62 -12.57 -11.92
N TYR C 58 -24.71 -13.53 -12.07
CA TYR C 58 -24.59 -14.57 -11.05
C TYR C 58 -24.16 -13.98 -9.71
N LEU C 59 -23.17 -13.09 -9.72
CA LEU C 59 -22.71 -12.50 -8.47
C LEU C 59 -23.81 -11.69 -7.80
N THR C 60 -24.52 -10.87 -8.60
CA THR C 60 -25.60 -10.07 -8.05
C THR C 60 -26.70 -10.94 -7.48
N ALA C 61 -27.08 -12.00 -8.21
CA ALA C 61 -28.10 -12.91 -7.72
C ALA C 61 -27.66 -13.60 -6.44
N GLU C 62 -26.38 -13.97 -6.34
CA GLU C 62 -25.90 -14.64 -5.14
C GLU C 62 -25.97 -13.73 -3.93
N ILE C 63 -25.45 -12.51 -4.04
CA ILE C 63 -25.43 -11.64 -2.86
C ILE C 63 -26.85 -11.21 -2.51
N LEU C 64 -27.69 -10.97 -3.53
CA LEU C 64 -29.08 -10.63 -3.26
C LEU C 64 -29.83 -11.78 -2.60
N GLU C 65 -29.51 -13.02 -2.98
CA GLU C 65 -30.13 -14.17 -2.33
C GLU C 65 -29.72 -14.25 -0.87
N LEU C 66 -28.44 -14.03 -0.58
CA LEU C 66 -27.98 -14.06 0.81
C LEU C 66 -28.66 -12.95 1.62
N ALA C 67 -28.74 -11.76 1.05
CA ALA C 67 -29.41 -10.66 1.75
C ALA C 67 -30.90 -10.93 1.91
N GLY C 68 -31.49 -11.59 0.90
CA GLY C 68 -32.92 -11.93 0.97
C GLY C 68 -33.18 -12.86 2.14
N ASN C 69 -32.32 -13.87 2.31
CA ASN C 69 -32.45 -14.79 3.47
C ASN C 69 -32.31 -13.96 4.76
N ALA C 70 -31.34 -13.05 4.79
CA ALA C 70 -31.13 -12.19 5.99
C ALA C 70 -32.37 -11.34 6.24
N ALA C 71 -32.91 -10.73 5.19
CA ALA C 71 -34.13 -9.89 5.32
C ALA C 71 -35.27 -10.76 5.86
N ARG C 72 -35.46 -11.95 5.26
CA ARG C 72 -36.53 -12.87 5.71
C ARG C 72 -36.24 -13.29 7.16
N ASP C 73 -34.97 -13.50 7.50
CA ASP C 73 -34.60 -13.94 8.87
C ASP C 73 -35.06 -12.89 9.89
N ASN C 74 -34.85 -11.61 9.59
CA ASN C 74 -35.21 -10.54 10.56
C ASN C 74 -36.61 -10.01 10.22
N LYS C 75 -37.45 -10.86 9.60
CA LYS C 75 -38.88 -10.51 9.31
C LYS C 75 -39.03 -9.16 8.59
N LYS C 76 -37.97 -8.59 8.01
CA LYS C 76 -38.16 -7.38 7.25
C LYS C 76 -38.25 -7.71 5.77
N THR C 77 -39.23 -7.12 5.10
CA THR C 77 -39.54 -7.45 3.71
C THR C 77 -38.92 -6.51 2.70
N ARG C 78 -37.97 -5.68 3.12
CA ARG C 78 -37.27 -4.78 2.20
C ARG C 78 -35.78 -4.86 2.48
N ILE C 79 -34.99 -5.02 1.41
CA ILE C 79 -33.55 -5.13 1.54
C ILE C 79 -32.97 -3.81 2.01
N ILE C 80 -32.08 -3.86 2.99
CA ILE C 80 -31.55 -2.64 3.58
C ILE C 80 -30.04 -2.83 3.53
N PRO C 81 -29.24 -1.75 3.50
CA PRO C 81 -27.78 -1.94 3.58
C PRO C 81 -27.30 -2.75 4.76
N ARG C 82 -28.04 -2.75 5.88
CA ARG C 82 -27.67 -3.64 6.96
C ARG C 82 -27.77 -5.10 6.54
N HIS C 83 -28.84 -5.46 5.83
CA HIS C 83 -28.95 -6.81 5.29
C HIS C 83 -27.82 -7.09 4.29
N LEU C 84 -27.49 -6.12 3.45
CA LEU C 84 -26.42 -6.32 2.49
C LEU C 84 -25.10 -6.59 3.18
N GLN C 85 -24.79 -5.81 4.23
CA GLN C 85 -23.55 -6.00 4.98
C GLN C 85 -23.53 -7.34 5.67
N LEU C 86 -24.65 -7.75 6.27
CA LEU C 86 -24.70 -9.07 6.89
C LEU C 86 -24.47 -10.17 5.87
N ALA C 87 -25.06 -10.01 4.68
CA ALA C 87 -24.92 -11.01 3.64
C ALA C 87 -23.48 -11.15 3.18
N VAL C 88 -22.78 -10.02 2.96
CA VAL C 88 -21.42 -10.12 2.46
C VAL C 88 -20.47 -10.60 3.56
N ARG C 89 -20.64 -10.09 4.79
CA ARG C 89 -19.68 -10.40 5.83
C ARG C 89 -19.91 -11.77 6.46
N ASN C 90 -21.11 -12.34 6.34
CA ASN C 90 -21.35 -13.69 6.85
C ASN C 90 -20.94 -14.76 5.85
N ASP C 91 -20.52 -14.37 4.66
CA ASP C 91 -20.08 -15.30 3.62
C ASP C 91 -18.57 -15.16 3.51
N GLU C 92 -17.85 -16.29 3.55
CA GLU C 92 -16.39 -16.24 3.57
C GLU C 92 -15.83 -15.76 2.24
N GLU C 93 -16.28 -16.35 1.13
CA GLU C 93 -15.72 -16.00 -0.17
C GLU C 93 -16.15 -14.61 -0.61
N LEU C 94 -17.40 -14.22 -0.33
CA LEU C 94 -17.81 -12.86 -0.62
C LEU C 94 -17.08 -11.86 0.26
N ASN C 95 -16.80 -12.23 1.51
CA ASN C 95 -16.00 -11.35 2.37
C ASN C 95 -14.59 -11.18 1.84
N LYS C 96 -13.98 -12.27 1.35
CA LYS C 96 -12.65 -12.16 0.75
C LYS C 96 -12.69 -11.31 -0.51
N LEU C 97 -13.75 -11.44 -1.31
CA LEU C 97 -13.88 -10.62 -2.51
C LEU C 97 -14.04 -9.15 -2.15
N LEU C 98 -14.78 -8.86 -1.08
CA LEU C 98 -15.05 -7.50 -0.65
C LEU C 98 -14.37 -7.15 0.66
N GLY C 99 -13.13 -7.60 0.87
CA GLY C 99 -12.44 -7.29 2.11
C GLY C 99 -12.14 -5.82 2.28
N ARG C 100 -11.80 -5.13 1.18
CA ARG C 100 -11.46 -3.72 1.22
C ARG C 100 -12.67 -2.83 0.97
N VAL C 101 -13.85 -3.41 0.88
CA VAL C 101 -15.07 -2.66 0.54
C VAL C 101 -15.76 -2.23 1.82
N THR C 102 -16.12 -0.95 1.90
CA THR C 102 -16.85 -0.39 3.02
C THR C 102 -18.30 -0.16 2.59
N ILE C 103 -19.24 -0.62 3.40
CA ILE C 103 -20.66 -0.50 3.09
C ILE C 103 -21.23 0.64 3.94
N ALA C 104 -21.85 1.62 3.30
CA ALA C 104 -22.50 2.70 4.02
C ALA C 104 -23.73 2.16 4.77
N GLN C 105 -23.90 2.62 6.01
CA GLN C 105 -24.97 2.16 6.91
C GLN C 105 -24.92 0.64 7.11
N GLY C 106 -23.75 0.05 6.95
CA GLY C 106 -23.63 -1.40 7.05
C GLY C 106 -23.43 -1.88 8.47
N GLY C 107 -22.76 -1.07 9.29
CA GLY C 107 -22.46 -1.52 10.63
C GLY C 107 -21.46 -2.65 10.63
N VAL C 108 -21.48 -3.43 11.71
CA VAL C 108 -20.56 -4.56 11.89
C VAL C 108 -21.36 -5.72 12.47
N LEU C 109 -20.89 -6.95 12.18
CA LEU C 109 -21.55 -8.14 12.69
C LEU C 109 -21.45 -8.18 14.21
N PRO C 110 -22.47 -8.72 14.89
CA PRO C 110 -22.36 -8.89 16.35
C PRO C 110 -21.29 -9.91 16.69
N ASN C 111 -20.20 -9.43 17.30
CA ASN C 111 -19.06 -10.28 17.59
C ASN C 111 -18.23 -9.67 18.71
N ILE C 112 -18.17 -10.38 19.83
CA ILE C 112 -17.28 -10.05 20.94
C ILE C 112 -16.49 -11.29 21.30
N GLN C 113 -15.37 -11.11 21.98
CA GLN C 113 -14.55 -12.25 22.37
C GLN C 113 -15.15 -12.93 23.60
N SER C 114 -15.08 -14.27 23.62
CA SER C 114 -15.65 -15.02 24.73
C SER C 114 -14.95 -14.71 26.04
N VAL C 115 -13.62 -14.61 26.01
CA VAL C 115 -12.86 -14.14 27.17
C VAL C 115 -13.26 -12.73 27.56
N LEU C 116 -13.68 -11.91 26.61
CA LEU C 116 -14.28 -10.60 26.89
C LEU C 116 -15.53 -10.69 27.75
N LEU C 117 -16.24 -11.82 27.72
CA LEU C 117 -17.40 -12.06 28.54
C LEU C 117 -17.02 -12.10 30.02
N PRO C 118 -17.96 -11.74 30.91
CA PRO C 118 -17.67 -11.82 32.35
C PRO C 118 -17.44 -13.25 32.80
N LYS C 119 -16.58 -13.41 33.80
CA LYS C 119 -16.25 -14.73 34.32
C LYS C 119 -17.09 -15.06 35.55
N THR D 33 -29.65 15.71 -17.93
CA THR D 33 -29.45 14.61 -18.87
C THR D 33 -29.52 13.26 -18.17
N ARG D 34 -29.47 12.19 -18.96
CA ARG D 34 -29.59 10.85 -18.41
C ARG D 34 -28.32 10.43 -17.68
N LYS D 35 -28.49 9.77 -16.54
CA LYS D 35 -27.40 9.18 -15.77
C LYS D 35 -27.69 7.70 -15.62
N GLU D 36 -27.04 6.87 -16.42
CA GLU D 36 -27.38 5.46 -16.51
C GLU D 36 -26.90 4.69 -15.28
N SER D 37 -27.59 3.58 -15.01
CA SER D 37 -27.25 2.72 -13.88
C SER D 37 -27.86 1.35 -14.15
N TYR D 38 -27.53 0.41 -13.27
CA TYR D 38 -28.03 -0.96 -13.39
C TYR D 38 -29.32 -1.19 -12.62
N ALA D 39 -30.14 -0.15 -12.43
CA ALA D 39 -31.27 -0.24 -11.51
C ALA D 39 -32.29 -1.26 -11.97
N ILE D 40 -32.71 -1.17 -13.24
CA ILE D 40 -33.74 -2.05 -13.75
C ILE D 40 -33.27 -3.50 -13.73
N TYR D 41 -32.01 -3.75 -14.12
CA TYR D 41 -31.50 -5.11 -14.16
C TYR D 41 -31.37 -5.70 -12.77
N VAL D 42 -30.87 -4.93 -11.82
CA VAL D 42 -30.75 -5.42 -10.44
C VAL D 42 -32.12 -5.71 -9.86
N TYR D 43 -33.09 -4.83 -10.14
CA TYR D 43 -34.46 -5.07 -9.69
C TYR D 43 -35.04 -6.34 -10.31
N LYS D 44 -34.78 -6.57 -11.60
CA LYS D 44 -35.27 -7.78 -12.25
C LYS D 44 -34.65 -9.03 -11.63
N VAL D 45 -33.34 -9.00 -11.38
CA VAL D 45 -32.69 -10.15 -10.76
C VAL D 45 -33.25 -10.40 -9.37
N LEU D 46 -33.44 -9.34 -8.58
CA LEU D 46 -33.96 -9.51 -7.23
C LEU D 46 -35.38 -10.07 -7.26
N LYS D 47 -36.21 -9.57 -8.18
CA LYS D 47 -37.56 -10.11 -8.32
C LYS D 47 -37.56 -11.56 -8.77
N GLN D 48 -36.61 -11.96 -9.61
CA GLN D 48 -36.61 -13.33 -10.11
C GLN D 48 -36.09 -14.29 -9.05
N VAL D 49 -35.21 -13.81 -8.15
CA VAL D 49 -34.74 -14.70 -7.07
C VAL D 49 -35.72 -14.66 -5.89
N HIS D 50 -36.45 -13.55 -5.77
CA HIS D 50 -37.40 -13.38 -4.63
C HIS D 50 -38.68 -12.71 -5.15
N PRO D 51 -39.80 -13.45 -5.38
CA PRO D 51 -40.99 -12.84 -5.95
C PRO D 51 -41.55 -11.74 -5.07
N ASP D 52 -41.35 -11.85 -3.75
CA ASP D 52 -41.92 -10.86 -2.81
C ASP D 52 -40.81 -10.32 -1.89
N THR D 53 -39.90 -9.53 -2.44
CA THR D 53 -38.83 -8.91 -1.61
C THR D 53 -38.50 -7.56 -2.19
N GLY D 54 -38.87 -6.49 -1.48
CA GLY D 54 -38.62 -5.12 -1.96
C GLY D 54 -37.19 -4.70 -1.67
N ILE D 55 -36.79 -3.50 -2.12
CA ILE D 55 -35.41 -3.00 -1.87
C ILE D 55 -35.46 -1.47 -1.66
N SER D 56 -34.56 -0.94 -0.83
CA SER D 56 -34.50 0.49 -0.60
C SER D 56 -33.55 1.16 -1.59
N SER D 57 -33.67 2.48 -1.71
CA SER D 57 -32.85 3.21 -2.68
C SER D 57 -31.38 3.20 -2.30
N LYS D 58 -31.08 3.31 -1.00
CA LYS D 58 -29.68 3.27 -0.57
C LYS D 58 -29.05 1.92 -0.86
N ALA D 59 -29.78 0.84 -0.58
CA ALA D 59 -29.28 -0.50 -0.91
C ALA D 59 -29.15 -0.66 -2.42
N MET D 60 -30.05 -0.05 -3.18
CA MET D 60 -29.95 -0.10 -4.63
C MET D 60 -28.69 0.61 -5.12
N SER D 61 -28.37 1.76 -4.52
CA SER D 61 -27.14 2.45 -4.86
C SER D 61 -25.92 1.62 -4.50
N ILE D 62 -25.97 0.94 -3.36
CA ILE D 62 -24.89 0.03 -3.00
C ILE D 62 -24.75 -1.07 -4.04
N MET D 63 -25.86 -1.63 -4.49
CA MET D 63 -25.82 -2.68 -5.50
C MET D 63 -25.22 -2.17 -6.80
N ASN D 64 -25.62 -0.96 -7.21
CA ASN D 64 -25.09 -0.39 -8.45
C ASN D 64 -23.59 -0.15 -8.34
N SER D 65 -23.14 0.38 -7.21
CA SER D 65 -21.71 0.59 -7.01
C SER D 65 -20.96 -0.73 -6.98
N PHE D 66 -21.58 -1.76 -6.39
CA PHE D 66 -20.96 -3.08 -6.36
C PHE D 66 -20.80 -3.65 -7.76
N VAL D 67 -21.84 -3.53 -8.59
CA VAL D 67 -21.77 -4.04 -9.95
C VAL D 67 -20.71 -3.28 -10.74
N ASN D 68 -20.66 -1.96 -10.58
CA ASN D 68 -19.64 -1.16 -11.26
C ASN D 68 -18.24 -1.56 -10.80
N ASP D 69 -18.07 -1.79 -9.51
CA ASP D 69 -16.76 -2.16 -8.99
C ASP D 69 -16.31 -3.52 -9.53
N VAL D 70 -17.21 -4.50 -9.54
CA VAL D 70 -16.86 -5.82 -10.04
C VAL D 70 -16.57 -5.76 -11.53
N PHE D 71 -17.36 -5.00 -12.28
CA PHE D 71 -17.09 -4.80 -13.70
C PHE D 71 -15.73 -4.18 -13.91
N GLU D 72 -15.39 -3.16 -13.12
CA GLU D 72 -14.09 -2.52 -13.21
C GLU D 72 -12.97 -3.50 -12.94
N ARG D 73 -13.05 -4.26 -11.84
CA ARG D 73 -12.01 -5.21 -11.49
C ARG D 73 -11.83 -6.24 -12.59
N ILE D 74 -12.92 -6.87 -13.02
CA ILE D 74 -12.82 -7.98 -13.96
C ILE D 74 -12.32 -7.49 -15.31
N ALA D 75 -12.91 -6.42 -15.82
CA ALA D 75 -12.53 -5.92 -17.14
C ALA D 75 -11.11 -5.37 -17.13
N GLY D 76 -10.70 -4.70 -16.05
CA GLY D 76 -9.33 -4.23 -15.97
C GLY D 76 -8.32 -5.37 -15.93
N GLU D 77 -8.65 -6.43 -15.19
CA GLU D 77 -7.78 -7.60 -15.17
C GLU D 77 -7.71 -8.25 -16.54
N ALA D 78 -8.84 -8.33 -17.24
CA ALA D 78 -8.84 -8.95 -18.57
C ALA D 78 -8.05 -8.10 -19.56
N SER D 79 -8.18 -6.78 -19.49
CA SER D 79 -7.41 -5.90 -20.36
C SER D 79 -5.92 -6.01 -20.06
N ARG D 80 -5.57 -6.09 -18.77
CA ARG D 80 -4.17 -6.28 -18.40
C ARG D 80 -3.65 -7.59 -18.97
N LEU D 81 -4.43 -8.66 -18.83
CA LEU D 81 -4.00 -9.97 -19.30
C LEU D 81 -3.81 -9.97 -20.81
N ALA D 82 -4.73 -9.36 -21.55
CA ALA D 82 -4.58 -9.25 -23.00
C ALA D 82 -3.34 -8.45 -23.37
N HIS D 83 -3.08 -7.36 -22.65
CA HIS D 83 -1.86 -6.58 -22.88
C HIS D 83 -0.61 -7.40 -22.63
N TYR D 84 -0.59 -8.15 -21.53
CA TYR D 84 0.61 -8.93 -21.20
C TYR D 84 0.84 -10.07 -22.18
N ASN D 85 -0.22 -10.71 -22.69
CA ASN D 85 -0.04 -11.75 -23.69
C ASN D 85 0.09 -11.21 -25.11
N LYS D 86 0.43 -9.92 -25.25
CA LYS D 86 0.61 -9.28 -26.56
C LYS D 86 -0.62 -9.45 -27.44
N ARG D 87 -1.80 -9.43 -26.81
CA ARG D 87 -3.06 -9.61 -27.50
C ARG D 87 -3.86 -8.31 -27.44
N SER D 88 -4.50 -7.98 -28.56
CA SER D 88 -5.26 -6.74 -28.65
C SER D 88 -6.76 -6.95 -28.61
N THR D 89 -7.23 -8.08 -28.07
CA THR D 89 -8.66 -8.37 -28.02
C THR D 89 -9.02 -9.02 -26.69
N ILE D 90 -10.15 -8.61 -26.13
CA ILE D 90 -10.75 -9.30 -24.99
C ILE D 90 -11.89 -10.15 -25.52
N THR D 91 -11.82 -11.46 -25.26
CA THR D 91 -12.88 -12.38 -25.60
C THR D 91 -13.30 -13.15 -24.35
N SER D 92 -14.15 -14.16 -24.57
CA SER D 92 -14.62 -14.98 -23.47
C SER D 92 -13.49 -15.67 -22.73
N ARG D 93 -12.39 -15.98 -23.41
CA ARG D 93 -11.31 -16.72 -22.75
C ARG D 93 -10.60 -15.88 -21.71
N GLU D 94 -10.17 -14.66 -22.06
CA GLU D 94 -9.54 -13.81 -21.05
C GLU D 94 -10.56 -13.32 -20.02
N ILE D 95 -11.84 -13.17 -20.39
CA ILE D 95 -12.83 -12.89 -19.37
C ILE D 95 -12.92 -14.02 -18.36
N GLN D 96 -12.91 -15.27 -18.83
CA GLN D 96 -12.96 -16.43 -17.96
C GLN D 96 -11.72 -16.49 -17.07
N THR D 97 -10.55 -16.22 -17.64
CA THR D 97 -9.33 -16.27 -16.85
C THR D 97 -9.30 -15.18 -15.78
N ALA D 98 -9.80 -13.98 -16.14
CA ALA D 98 -9.90 -12.91 -15.14
C ALA D 98 -10.88 -13.28 -14.04
N VAL D 99 -11.97 -13.94 -14.40
CA VAL D 99 -12.93 -14.40 -13.39
C VAL D 99 -12.28 -15.40 -12.44
N ARG D 100 -11.54 -16.35 -12.99
CA ARG D 100 -10.86 -17.32 -12.14
C ARG D 100 -9.80 -16.68 -11.26
N LEU D 101 -9.11 -15.66 -11.77
CA LEU D 101 -8.12 -14.95 -10.97
C LEU D 101 -8.76 -14.17 -9.84
N LEU D 102 -9.92 -13.55 -10.09
CA LEU D 102 -10.50 -12.68 -9.07
C LEU D 102 -11.35 -13.45 -8.07
N LEU D 103 -12.32 -14.19 -8.53
CA LEU D 103 -13.30 -14.82 -7.64
C LEU D 103 -12.67 -16.00 -6.91
N PRO D 104 -12.98 -16.20 -5.63
CA PRO D 104 -12.36 -17.29 -4.87
C PRO D 104 -13.17 -18.58 -4.96
N GLY D 105 -12.50 -19.66 -5.32
CA GLY D 105 -13.03 -21.00 -5.11
C GLY D 105 -14.30 -21.31 -5.87
N GLU D 106 -15.31 -21.81 -5.14
CA GLU D 106 -16.54 -22.25 -5.79
C GLU D 106 -17.34 -21.09 -6.34
N LEU D 107 -17.14 -19.88 -5.82
CA LEU D 107 -17.69 -18.71 -6.49
C LEU D 107 -17.15 -18.58 -7.91
N ALA D 108 -15.83 -18.72 -8.06
CA ALA D 108 -15.23 -18.69 -9.38
C ALA D 108 -15.75 -19.83 -10.23
N LYS D 109 -15.89 -21.01 -9.63
CA LYS D 109 -16.37 -22.17 -10.39
C LYS D 109 -17.78 -21.94 -10.93
N HIS D 110 -18.70 -21.50 -10.06
CA HIS D 110 -20.07 -21.26 -10.48
C HIS D 110 -20.16 -20.11 -11.48
N ALA D 111 -19.38 -19.04 -11.28
CA ALA D 111 -19.39 -17.94 -12.22
C ALA D 111 -18.88 -18.37 -13.59
N VAL D 112 -17.84 -19.21 -13.62
CA VAL D 112 -17.31 -19.71 -14.88
C VAL D 112 -18.35 -20.58 -15.58
N SER D 113 -19.03 -21.46 -14.83
CA SER D 113 -20.05 -22.31 -15.45
C SER D 113 -21.18 -21.47 -16.01
N GLU D 114 -21.62 -20.46 -15.27
CA GLU D 114 -22.67 -19.58 -15.75
C GLU D 114 -22.24 -18.84 -17.01
N GLY D 115 -21.01 -18.33 -17.03
CA GLY D 115 -20.52 -17.63 -18.21
C GLY D 115 -20.43 -18.53 -19.42
N THR D 116 -19.93 -19.75 -19.23
CA THR D 116 -19.84 -20.69 -20.33
C THR D 116 -21.22 -21.07 -20.86
N LYS D 117 -22.20 -21.29 -19.97
CA LYS D 117 -23.55 -21.59 -20.44
C LYS D 117 -24.15 -20.41 -21.21
N ALA D 118 -23.93 -19.19 -20.72
CA ALA D 118 -24.48 -18.02 -21.40
C ALA D 118 -23.83 -17.85 -22.77
N VAL D 119 -22.51 -18.03 -22.87
CA VAL D 119 -21.83 -17.90 -24.14
C VAL D 119 -22.30 -18.97 -25.12
N THR D 120 -22.45 -20.20 -24.64
CA THR D 120 -22.93 -21.28 -25.50
C THR D 120 -24.34 -21.00 -26.00
N LYS D 121 -25.23 -20.57 -25.11
CA LYS D 121 -26.60 -20.27 -25.52
C LYS D 121 -26.65 -19.10 -26.50
N TYR D 122 -25.83 -18.07 -26.28
CA TYR D 122 -25.83 -16.92 -27.17
C TYR D 122 -25.27 -17.27 -28.54
N THR D 123 -24.17 -18.03 -28.60
CA THR D 123 -23.61 -18.41 -29.89
C THR D 123 -24.45 -19.47 -30.58
N SER D 124 -25.31 -20.18 -29.85
CA SER D 124 -26.23 -21.14 -30.44
C SER D 124 -27.53 -20.44 -30.76
N ALA D 125 -27.46 -19.42 -31.61
CA ALA D 125 -28.63 -18.64 -31.98
C ALA D 125 -28.44 -17.98 -33.35
N ARG E 41 -27.33 -0.10 41.07
CA ARG E 41 -26.01 0.08 40.46
C ARG E 41 -25.49 -1.22 39.86
N TYR E 42 -25.12 -1.17 38.59
CA TYR E 42 -24.51 -2.33 37.95
C TYR E 42 -23.01 -2.34 38.19
N ARG E 43 -22.44 -3.55 38.24
CA ARG E 43 -21.00 -3.69 38.33
C ARG E 43 -20.36 -3.20 37.02
N PRO E 44 -19.15 -2.66 37.09
CA PRO E 44 -18.48 -2.16 35.87
C PRO E 44 -18.29 -3.28 34.86
N GLY E 45 -18.46 -2.93 33.59
CA GLY E 45 -18.42 -3.88 32.51
C GLY E 45 -19.78 -4.29 31.97
N THR E 46 -20.80 -4.35 32.84
CA THR E 46 -22.13 -4.73 32.39
C THR E 46 -22.72 -3.68 31.44
N VAL E 47 -22.66 -2.41 31.83
CA VAL E 47 -23.16 -1.35 30.94
C VAL E 47 -22.29 -1.24 29.71
N ALA E 48 -20.99 -1.53 29.85
CA ALA E 48 -20.12 -1.54 28.68
C ALA E 48 -20.54 -2.61 27.67
N LEU E 49 -20.88 -3.80 28.16
CA LEU E 49 -21.36 -4.85 27.27
C LEU E 49 -22.71 -4.49 26.67
N ARG E 50 -23.58 -3.85 27.45
CA ARG E 50 -24.85 -3.40 26.90
C ARG E 50 -24.66 -2.37 25.80
N GLU E 51 -23.71 -1.44 25.98
CA GLU E 51 -23.38 -0.50 24.92
C GLU E 51 -22.83 -1.23 23.70
N ILE E 52 -21.99 -2.24 23.91
CA ILE E 52 -21.44 -3.00 22.79
C ILE E 52 -22.58 -3.64 21.99
N ARG E 53 -23.52 -4.27 22.70
CA ARG E 53 -24.65 -4.90 22.01
C ARG E 53 -25.50 -3.87 21.28
N ARG E 54 -25.78 -2.74 21.93
CA ARG E 54 -26.64 -1.73 21.33
C ARG E 54 -26.02 -1.14 20.07
N TYR E 55 -24.71 -0.86 20.11
CA TYR E 55 -24.08 -0.22 18.97
C TYR E 55 -23.69 -1.23 17.89
N GLN E 56 -23.55 -2.51 18.23
CA GLN E 56 -23.32 -3.51 17.20
C GLN E 56 -24.61 -3.91 16.51
N LYS E 57 -25.75 -3.82 17.19
CA LYS E 57 -27.04 -4.08 16.56
C LYS E 57 -27.57 -2.89 15.79
N SER E 58 -26.85 -1.77 15.79
CA SER E 58 -27.32 -0.53 15.21
C SER E 58 -26.28 0.02 14.24
N THR E 59 -26.75 0.84 13.29
CA THR E 59 -25.93 1.30 12.18
C THR E 59 -25.93 2.82 12.01
N GLU E 60 -26.54 3.58 12.91
CA GLU E 60 -26.56 5.02 12.74
C GLU E 60 -25.19 5.62 13.04
N LEU E 61 -25.04 6.89 12.70
CA LEU E 61 -23.75 7.57 12.79
C LEU E 61 -23.43 7.93 14.23
N LEU E 62 -22.22 7.59 14.67
CA LEU E 62 -21.81 7.79 16.05
C LEU E 62 -21.06 9.10 16.26
N ILE E 63 -20.79 9.85 15.20
CA ILE E 63 -20.05 11.11 15.29
C ILE E 63 -21.02 12.26 15.05
N ARG E 64 -20.93 13.28 15.91
CA ARG E 64 -21.75 14.47 15.74
C ARG E 64 -21.39 15.17 14.42
N LYS E 65 -22.38 15.28 13.53
CA LYS E 65 -22.09 15.64 12.15
C LYS E 65 -21.63 17.09 12.02
N LEU E 66 -22.20 18.01 12.79
CA LEU E 66 -21.72 19.39 12.72
C LEU E 66 -20.28 19.54 13.20
N PRO E 67 -19.87 18.99 14.36
CA PRO E 67 -18.43 19.03 14.69
C PRO E 67 -17.56 18.32 13.67
N PHE E 68 -18.02 17.19 13.12
CA PHE E 68 -17.22 16.51 12.11
C PHE E 68 -17.04 17.38 10.87
N GLN E 69 -18.11 18.05 10.43
CA GLN E 69 -18.06 18.92 9.27
C GLN E 69 -17.11 20.08 9.51
N ARG E 70 -17.15 20.66 10.72
CA ARG E 70 -16.25 21.75 11.04
C ARG E 70 -14.80 21.27 11.06
N LEU E 71 -14.55 20.07 11.57
CA LEU E 71 -13.20 19.50 11.52
C LEU E 71 -12.73 19.29 10.10
N VAL E 72 -13.62 18.79 9.23
CA VAL E 72 -13.24 18.58 7.83
C VAL E 72 -12.89 19.90 7.16
N ARG E 73 -13.69 20.93 7.41
CA ARG E 73 -13.36 22.24 6.84
C ARG E 73 -12.03 22.75 7.38
N GLU E 74 -11.79 22.59 8.69
CA GLU E 74 -10.50 22.99 9.27
C GLU E 74 -9.34 22.32 8.55
N ILE E 75 -9.46 21.02 8.27
CA ILE E 75 -8.44 20.34 7.49
C ILE E 75 -8.42 20.91 6.08
N ALA E 76 -9.56 21.38 5.59
CA ALA E 76 -9.69 21.78 4.19
C ALA E 76 -9.00 23.10 3.87
N GLN E 77 -8.95 24.08 4.79
CA GLN E 77 -8.22 25.30 4.42
C GLN E 77 -6.74 25.05 4.18
N ASP E 78 -6.20 23.93 4.67
CA ASP E 78 -4.77 23.68 4.52
C ASP E 78 -4.39 23.40 3.07
N PHE E 79 -5.34 23.03 2.22
CA PHE E 79 -5.03 22.67 0.84
C PHE E 79 -5.53 23.72 -0.14
N LYS E 80 -6.81 24.09 0.00
CA LYS E 80 -7.37 25.19 -0.84
C LYS E 80 -8.30 26.03 0.06
N THR E 81 -8.18 27.36 0.02
CA THR E 81 -8.99 28.23 0.90
C THR E 81 -10.34 28.48 0.25
N ASP E 82 -11.37 28.76 1.05
CA ASP E 82 -12.71 29.01 0.50
C ASP E 82 -13.11 27.86 -0.42
N LEU E 83 -13.32 26.69 0.18
CA LEU E 83 -13.85 25.54 -0.52
C LEU E 83 -15.32 25.33 -0.16
N ARG E 84 -16.07 24.78 -1.10
CA ARG E 84 -17.47 24.45 -0.88
C ARG E 84 -17.62 22.93 -0.92
N PHE E 85 -18.23 22.40 0.15
CA PHE E 85 -18.32 20.96 0.36
C PHE E 85 -19.77 20.53 0.18
N GLN E 86 -19.99 19.37 -0.55
CA GLN E 86 -21.30 18.77 -0.68
C GLN E 86 -21.67 18.06 0.62
N SER E 87 -22.96 18.13 0.98
CA SER E 87 -23.43 17.43 2.16
C SER E 87 -23.24 15.93 2.02
N SER E 88 -23.51 15.40 0.83
CA SER E 88 -23.19 14.00 0.57
C SER E 88 -21.70 13.72 0.65
N ALA E 89 -20.86 14.70 0.27
CA ALA E 89 -19.42 14.51 0.39
C ALA E 89 -19.01 14.34 1.85
N VAL E 90 -19.48 15.23 2.72
CA VAL E 90 -19.11 15.11 4.12
C VAL E 90 -19.77 13.88 4.74
N MET E 91 -20.92 13.46 4.20
CA MET E 91 -21.56 12.24 4.69
C MET E 91 -20.71 11.01 4.38
N ALA E 92 -20.24 10.91 3.14
CA ALA E 92 -19.37 9.79 2.77
C ALA E 92 -18.06 9.84 3.56
N LEU E 93 -17.54 11.05 3.77
CA LEU E 93 -16.35 11.23 4.60
C LEU E 93 -16.56 10.65 5.98
N GLN E 94 -17.66 10.99 6.64
CA GLN E 94 -17.85 10.54 8.01
C GLN E 94 -18.19 9.05 8.06
N GLU E 95 -18.87 8.53 7.04
CA GLU E 95 -19.10 7.10 6.94
C GLU E 95 -17.77 6.34 6.89
N ALA E 96 -16.87 6.77 6.00
CA ALA E 96 -15.58 6.09 5.86
C ALA E 96 -14.74 6.26 7.12
N SER E 97 -14.80 7.45 7.74
CA SER E 97 -14.07 7.68 8.97
C SER E 97 -14.54 6.74 10.08
N GLU E 98 -15.86 6.62 10.26
CA GLU E 98 -16.38 5.75 11.29
C GLU E 98 -16.02 4.29 11.02
N ALA E 99 -16.12 3.86 9.76
CA ALA E 99 -15.76 2.48 9.44
C ALA E 99 -14.29 2.21 9.69
N TYR E 100 -13.40 3.12 9.27
CA TYR E 100 -11.98 2.92 9.49
C TYR E 100 -11.66 2.88 10.98
N LEU E 101 -12.27 3.78 11.76
CA LEU E 101 -11.99 3.81 13.18
C LEU E 101 -12.53 2.58 13.90
N VAL E 102 -13.69 2.07 13.48
CA VAL E 102 -14.23 0.89 14.13
C VAL E 102 -13.40 -0.35 13.79
N ALA E 103 -12.89 -0.42 12.55
CA ALA E 103 -11.97 -1.50 12.22
C ALA E 103 -10.67 -1.41 13.02
N LEU E 104 -10.14 -0.19 13.16
CA LEU E 104 -8.94 0.01 13.95
C LEU E 104 -9.17 -0.39 15.39
N PHE E 105 -10.34 -0.07 15.94
CA PHE E 105 -10.65 -0.43 17.32
C PHE E 105 -10.80 -1.94 17.48
N GLU E 106 -11.36 -2.62 16.47
CA GLU E 106 -11.42 -4.08 16.52
C GLU E 106 -10.02 -4.67 16.55
N ASP E 107 -9.12 -4.17 15.70
CA ASP E 107 -7.75 -4.67 15.70
C ASP E 107 -7.02 -4.34 17.01
N THR E 108 -7.31 -3.17 17.58
CA THR E 108 -6.75 -2.81 18.88
C THR E 108 -7.24 -3.74 19.98
N ASN E 109 -8.53 -4.11 19.94
CA ASN E 109 -9.05 -5.05 20.91
C ASN E 109 -8.33 -6.39 20.79
N LEU E 110 -8.11 -6.85 19.55
CA LEU E 110 -7.35 -8.08 19.35
C LEU E 110 -5.94 -7.97 19.91
N CYS E 111 -5.26 -6.85 19.67
CA CYS E 111 -3.93 -6.63 20.24
C CYS E 111 -3.96 -6.71 21.76
N ALA E 112 -4.89 -6.00 22.39
CA ALA E 112 -4.93 -5.94 23.85
C ALA E 112 -5.22 -7.30 24.45
N ILE E 113 -6.14 -8.05 23.84
CA ILE E 113 -6.50 -9.33 24.44
C ILE E 113 -5.39 -10.35 24.19
N HIS E 114 -4.65 -10.19 23.08
CA HIS E 114 -3.43 -10.97 22.92
C HIS E 114 -2.42 -10.63 23.99
N ALA E 115 -2.40 -9.39 24.46
CA ALA E 115 -1.58 -8.99 25.59
C ALA E 115 -2.24 -9.32 26.92
N LYS E 116 -3.20 -10.25 26.93
CA LYS E 116 -3.93 -10.73 28.10
C LYS E 116 -4.46 -9.60 28.99
N ARG E 117 -5.02 -8.57 28.36
CA ARG E 117 -5.70 -7.48 29.05
C ARG E 117 -7.02 -7.19 28.36
N VAL E 118 -7.93 -6.56 29.12
CA VAL E 118 -9.22 -6.12 28.58
C VAL E 118 -9.29 -4.62 28.39
N THR E 119 -8.26 -3.88 28.82
CA THR E 119 -8.20 -2.44 28.67
C THR E 119 -7.21 -2.13 27.56
N ILE E 120 -7.64 -1.36 26.56
CA ILE E 120 -6.73 -1.00 25.48
C ILE E 120 -5.97 0.26 25.86
N MET E 121 -4.70 0.33 25.47
CA MET E 121 -3.85 1.49 25.64
C MET E 121 -3.21 1.83 24.30
N PRO E 122 -2.78 3.09 24.12
CA PRO E 122 -2.33 3.52 22.78
C PRO E 122 -1.12 2.77 22.23
N LYS E 123 -0.38 2.06 23.07
CA LYS E 123 0.66 1.20 22.52
C LYS E 123 0.07 0.16 21.59
N ASP E 124 -1.13 -0.35 21.92
CA ASP E 124 -1.85 -1.20 20.99
C ASP E 124 -2.25 -0.43 19.73
N ILE E 125 -2.53 0.87 19.85
CA ILE E 125 -2.87 1.68 18.68
C ILE E 125 -1.73 1.69 17.68
N GLN E 126 -0.52 2.07 18.12
CA GLN E 126 0.54 2.16 17.11
C GLN E 126 1.03 0.77 16.72
N LEU E 127 0.87 -0.23 17.60
CA LEU E 127 1.18 -1.59 17.18
C LEU E 127 0.26 -2.04 16.05
N ALA E 128 -1.05 -1.78 16.17
CA ALA E 128 -1.98 -2.15 15.13
C ALA E 128 -1.70 -1.39 13.84
N ARG E 129 -1.40 -0.09 13.95
CA ARG E 129 -1.12 0.68 12.74
C ARG E 129 0.17 0.20 12.06
N ARG E 130 1.22 -0.08 12.83
CA ARG E 130 2.45 -0.60 12.26
C ARG E 130 2.23 -1.96 11.61
N ILE E 131 1.44 -2.82 12.25
CA ILE E 131 1.17 -4.14 11.69
C ILE E 131 0.41 -4.01 10.38
N ARG E 132 -0.61 -3.13 10.36
CA ARG E 132 -1.36 -2.88 9.13
C ARG E 132 -0.49 -2.29 8.04
N GLY E 133 0.56 -1.57 8.42
CA GLY E 133 1.42 -0.93 7.46
C GLY E 133 1.09 0.52 7.18
N GLU E 134 0.26 1.14 8.02
CA GLU E 134 -0.08 2.54 7.85
C GLU E 134 0.97 3.47 8.44
N ARG E 135 1.99 2.94 9.10
CA ARG E 135 3.05 3.76 9.67
C ARG E 135 4.35 2.95 9.79
N ARG F 24 -10.10 26.95 14.66
CA ARG F 24 -9.11 26.53 15.63
C ARG F 24 -9.58 25.30 16.41
N ASP F 25 -8.68 24.31 16.52
CA ASP F 25 -8.75 23.20 17.49
C ASP F 25 -10.10 22.49 17.52
N ASN F 26 -10.82 22.53 16.41
CA ASN F 26 -12.12 21.88 16.36
C ASN F 26 -12.02 20.37 16.30
N ILE F 27 -10.80 19.82 16.21
CA ILE F 27 -10.60 18.40 16.45
C ILE F 27 -11.06 18.05 17.86
N GLN F 28 -10.95 18.98 18.80
CA GLN F 28 -11.50 18.79 20.14
C GLN F 28 -13.02 18.63 20.14
N GLY F 29 -13.68 19.03 19.06
CA GLY F 29 -15.10 18.73 18.91
C GLY F 29 -15.40 17.25 18.76
N ILE F 30 -14.42 16.45 18.33
CA ILE F 30 -14.55 15.00 18.33
C ILE F 30 -14.51 14.57 19.79
N THR F 31 -15.65 14.15 20.31
CA THR F 31 -15.83 14.08 21.75
C THR F 31 -15.44 12.73 22.32
N LYS F 32 -15.08 12.74 23.61
CA LYS F 32 -14.81 11.52 24.35
C LYS F 32 -15.98 10.55 24.37
N PRO F 33 -17.24 10.97 24.57
CA PRO F 33 -18.34 10.01 24.40
C PRO F 33 -18.44 9.45 22.99
N ALA F 34 -18.10 10.24 21.97
CA ALA F 34 -18.11 9.73 20.60
C ALA F 34 -17.07 8.64 20.41
N ILE F 35 -15.86 8.85 20.94
CA ILE F 35 -14.84 7.82 20.90
C ILE F 35 -15.29 6.59 21.68
N ARG F 36 -15.95 6.78 22.82
CA ARG F 36 -16.45 5.64 23.58
C ARG F 36 -17.49 4.86 22.78
N ARG F 37 -18.39 5.56 22.10
CA ARG F 37 -19.41 4.88 21.29
C ARG F 37 -18.76 4.10 20.16
N LEU F 38 -17.76 4.70 19.50
CA LEU F 38 -17.10 4.04 18.39
C LEU F 38 -16.34 2.80 18.87
N ALA F 39 -15.69 2.89 20.03
CA ALA F 39 -15.02 1.71 20.59
C ALA F 39 -16.02 0.63 20.99
N ARG F 40 -17.17 1.04 21.53
CA ARG F 40 -18.20 0.07 21.91
C ARG F 40 -18.73 -0.66 20.68
N ARG F 41 -18.92 0.06 19.57
CA ARG F 41 -19.26 -0.60 18.32
C ARG F 41 -18.12 -1.51 17.87
N GLY F 42 -16.88 -1.13 18.16
CA GLY F 42 -15.75 -1.99 17.84
C GLY F 42 -15.62 -3.23 18.70
N GLY F 43 -16.36 -3.31 19.81
CA GLY F 43 -16.29 -4.47 20.67
C GLY F 43 -15.22 -4.40 21.73
N VAL F 44 -15.05 -3.24 22.37
CA VAL F 44 -14.02 -3.05 23.37
C VAL F 44 -14.69 -2.78 24.70
N LYS F 45 -14.15 -3.36 25.77
CA LYS F 45 -14.75 -3.19 27.09
C LYS F 45 -14.18 -1.99 27.85
N ARG F 46 -12.86 -1.94 28.01
CA ARG F 46 -12.24 -0.96 28.89
C ARG F 46 -11.28 -0.07 28.11
N ILE F 47 -11.48 1.24 28.28
CA ILE F 47 -10.84 2.26 27.47
C ILE F 47 -9.87 3.04 28.36
N SER F 48 -8.64 3.20 27.91
CA SER F 48 -7.69 4.00 28.68
C SER F 48 -7.84 5.48 28.35
N GLY F 49 -7.24 6.32 29.18
CA GLY F 49 -7.35 7.76 29.03
C GLY F 49 -6.68 8.31 27.79
N LEU F 50 -5.51 7.79 27.42
CA LEU F 50 -4.80 8.31 26.25
C LEU F 50 -5.42 7.87 24.94
N ILE F 51 -6.37 6.93 24.99
CA ILE F 51 -7.01 6.43 23.78
C ILE F 51 -7.73 7.56 23.05
N TYR F 52 -8.33 8.49 23.80
CA TYR F 52 -9.18 9.51 23.17
C TYR F 52 -8.37 10.44 22.27
N GLU F 53 -7.32 11.07 22.82
CA GLU F 53 -6.58 11.99 21.95
C GLU F 53 -5.61 11.25 21.03
N GLU F 54 -5.25 10.01 21.35
CA GLU F 54 -4.55 9.19 20.36
C GLU F 54 -5.44 8.94 19.14
N THR F 55 -6.71 8.64 19.39
CA THR F 55 -7.69 8.47 18.32
C THR F 55 -7.89 9.78 17.57
N ARG F 56 -7.90 10.90 18.30
CA ARG F 56 -7.99 12.20 17.64
C ARG F 56 -6.84 12.40 16.67
N GLY F 57 -5.62 12.05 17.08
CA GLY F 57 -4.47 12.20 16.21
C GLY F 57 -4.54 11.33 14.97
N VAL F 58 -4.88 10.05 15.14
CA VAL F 58 -4.90 9.15 13.99
C VAL F 58 -6.05 9.53 13.05
N LEU F 59 -7.20 9.94 13.61
CA LEU F 59 -8.29 10.42 12.79
C LEU F 59 -7.87 11.67 12.02
N LYS F 60 -7.13 12.57 12.66
CA LYS F 60 -6.70 13.79 11.99
C LYS F 60 -5.78 13.47 10.81
N VAL F 61 -4.83 12.55 10.99
CA VAL F 61 -3.92 12.25 9.88
C VAL F 61 -4.64 11.52 8.76
N PHE F 62 -5.57 10.62 9.11
CA PHE F 62 -6.35 9.93 8.09
C PHE F 62 -7.20 10.90 7.27
N LEU F 63 -7.90 11.81 7.95
CA LEU F 63 -8.68 12.81 7.27
C LEU F 63 -7.80 13.74 6.45
N GLU F 64 -6.59 14.03 6.95
CA GLU F 64 -5.64 14.84 6.20
C GLU F 64 -5.33 14.21 4.86
N ASN F 65 -5.01 12.90 4.87
CA ASN F 65 -4.68 12.22 3.63
C ASN F 65 -5.88 12.19 2.68
N VAL F 66 -7.05 11.81 3.19
CA VAL F 66 -8.23 11.70 2.34
C VAL F 66 -8.59 13.05 1.73
N ILE F 67 -8.57 14.10 2.55
CA ILE F 67 -8.94 15.43 2.08
C ILE F 67 -7.90 15.94 1.09
N ARG F 68 -6.62 15.63 1.30
CA ARG F 68 -5.60 16.04 0.34
C ARG F 68 -5.87 15.44 -1.03
N ASP F 69 -6.16 14.13 -1.06
CA ASP F 69 -6.45 13.49 -2.34
C ASP F 69 -7.73 14.06 -2.97
N ALA F 70 -8.79 14.24 -2.19
CA ALA F 70 -10.05 14.73 -2.74
C ALA F 70 -9.92 16.16 -3.23
N VAL F 71 -9.20 17.00 -2.49
CA VAL F 71 -9.02 18.39 -2.89
C VAL F 71 -8.16 18.47 -4.14
N THR F 72 -7.20 17.56 -4.29
CA THR F 72 -6.43 17.55 -5.52
C THR F 72 -7.29 17.12 -6.70
N TYR F 73 -8.21 16.17 -6.46
CA TYR F 73 -9.20 15.82 -7.49
C TYR F 73 -10.02 17.05 -7.90
N THR F 74 -10.51 17.80 -6.92
CA THR F 74 -11.29 18.99 -7.23
C THR F 74 -10.45 20.03 -7.96
N GLU F 75 -9.17 20.14 -7.59
CA GLU F 75 -8.25 21.03 -8.27
C GLU F 75 -8.13 20.67 -9.75
N HIS F 76 -7.94 19.38 -10.04
CA HIS F 76 -7.81 18.99 -11.43
C HIS F 76 -9.14 19.12 -12.18
N ALA F 77 -10.26 19.02 -11.47
CA ALA F 77 -11.57 19.16 -12.07
C ALA F 77 -11.90 20.60 -12.46
N LYS F 78 -11.01 21.54 -12.17
CA LYS F 78 -11.25 22.98 -12.40
C LYS F 78 -12.51 23.43 -11.69
N ARG F 79 -12.75 22.87 -10.51
CA ARG F 79 -13.95 23.13 -9.73
C ARG F 79 -13.57 23.65 -8.36
N LYS F 80 -14.54 24.27 -7.70
CA LYS F 80 -14.37 24.78 -6.35
C LYS F 80 -15.26 24.08 -5.34
N THR F 81 -16.02 23.08 -5.76
CA THR F 81 -16.91 22.34 -4.87
C THR F 81 -16.46 20.89 -4.82
N VAL F 82 -16.03 20.45 -3.65
CA VAL F 82 -15.63 19.05 -3.45
C VAL F 82 -16.90 18.21 -3.38
N THR F 83 -16.94 17.13 -4.16
CA THR F 83 -18.13 16.31 -4.26
C THR F 83 -17.90 14.93 -3.64
N ALA F 84 -19.02 14.30 -3.27
CA ALA F 84 -18.98 12.93 -2.77
C ALA F 84 -18.35 12.00 -3.79
N MET F 85 -18.53 12.30 -5.07
CA MET F 85 -17.92 11.49 -6.11
C MET F 85 -16.40 11.53 -5.99
N ASP F 86 -15.82 12.72 -5.89
CA ASP F 86 -14.38 12.84 -5.75
C ASP F 86 -13.89 12.18 -4.47
N VAL F 87 -14.64 12.34 -3.37
CA VAL F 87 -14.15 11.81 -2.11
C VAL F 87 -14.17 10.28 -2.11
N VAL F 88 -15.19 9.68 -2.72
CA VAL F 88 -15.22 8.22 -2.79
C VAL F 88 -14.19 7.72 -3.78
N TYR F 89 -13.83 8.55 -4.76
CA TYR F 89 -12.74 8.15 -5.65
C TYR F 89 -11.40 8.16 -4.93
N ALA F 90 -11.19 9.13 -4.05
CA ALA F 90 -9.99 9.11 -3.20
C ALA F 90 -9.99 7.88 -2.30
N LEU F 91 -11.15 7.55 -1.74
CA LEU F 91 -11.27 6.35 -0.90
C LEU F 91 -10.93 5.09 -1.69
N LYS F 92 -11.38 5.05 -2.95
CA LYS F 92 -11.06 3.91 -3.81
C LYS F 92 -9.57 3.84 -4.09
N ARG F 93 -8.93 5.00 -4.29
CA ARG F 93 -7.48 5.00 -4.46
C ARG F 93 -6.75 4.46 -3.25
N GLN F 94 -7.17 4.85 -2.05
CA GLN F 94 -6.43 4.50 -0.84
C GLN F 94 -6.60 3.05 -0.43
N GLY F 95 -7.26 2.23 -1.25
CA GLY F 95 -7.53 0.87 -0.87
C GLY F 95 -8.70 0.71 0.08
N ARG F 96 -9.38 1.81 0.40
CA ARG F 96 -10.49 1.84 1.33
C ARG F 96 -11.81 2.13 0.63
N THR F 97 -12.07 1.49 -0.50
CA THR F 97 -13.21 1.82 -1.35
C THR F 97 -14.53 1.75 -0.59
N LEU F 98 -15.43 2.67 -0.91
CA LEU F 98 -16.71 2.82 -0.23
C LEU F 98 -17.83 2.67 -1.25
N TYR F 99 -18.87 1.95 -0.86
CA TYR F 99 -20.05 1.80 -1.71
C TYR F 99 -21.16 2.73 -1.24
N GLY F 100 -22.19 2.85 -2.07
CA GLY F 100 -23.41 3.54 -1.68
C GLY F 100 -23.46 5.02 -1.97
N PHE F 101 -22.37 5.62 -2.42
CA PHE F 101 -22.35 7.04 -2.75
C PHE F 101 -22.09 7.30 -4.22
N GLY F 102 -22.43 6.37 -5.08
CA GLY F 102 -22.23 6.52 -6.51
C GLY F 102 -20.91 5.91 -6.96
N GLY F 103 -20.81 5.75 -8.27
CA GLY F 103 -19.62 5.15 -8.86
C GLY F 103 -19.52 3.67 -8.53
N ALA G 13 16.36 17.81 -44.17
CA ALA G 13 15.79 18.10 -42.86
C ALA G 13 16.55 17.38 -41.76
N LYS G 14 17.41 18.11 -41.07
CA LYS G 14 18.18 17.53 -39.97
C LYS G 14 17.25 17.27 -38.79
N ALA G 15 17.28 16.04 -38.29
CA ALA G 15 16.37 15.63 -37.22
C ALA G 15 17.04 15.76 -35.86
N LYS G 16 16.35 16.44 -34.94
CA LYS G 16 16.78 16.56 -33.56
C LYS G 16 15.78 15.85 -32.67
N THR G 17 16.27 14.96 -31.81
CA THR G 17 15.38 14.14 -30.99
C THR G 17 14.66 15.00 -29.95
N ARG G 18 13.44 14.57 -29.61
CA ARG G 18 12.65 15.30 -28.61
C ARG G 18 13.31 15.26 -27.25
N SER G 19 13.99 14.16 -26.92
CA SER G 19 14.75 14.09 -25.67
C SER G 19 15.84 15.13 -25.62
N SER G 20 16.55 15.33 -26.75
CA SER G 20 17.54 16.39 -26.81
C SER G 20 16.89 17.78 -26.74
N ARG G 21 15.73 17.94 -27.37
CA ARG G 21 15.03 19.22 -27.32
C ARG G 21 14.63 19.59 -25.90
N ALA G 22 14.11 18.63 -25.14
CA ALA G 22 13.61 18.89 -23.79
C ALA G 22 14.71 18.85 -22.74
N GLY G 23 15.95 18.59 -23.13
CA GLY G 23 17.02 18.44 -22.15
C GLY G 23 16.83 17.26 -21.24
N LEU G 24 16.32 16.15 -21.77
CA LEU G 24 16.05 14.94 -21.01
C LEU G 24 16.83 13.77 -21.61
N GLN G 25 17.42 12.96 -20.73
CA GLN G 25 18.13 11.79 -21.20
C GLN G 25 17.18 10.61 -21.42
N PHE G 26 15.92 10.76 -20.98
CA PHE G 26 14.96 9.69 -21.15
C PHE G 26 14.30 9.75 -22.52
N PRO G 27 13.89 8.60 -23.07
CA PRO G 27 13.37 8.57 -24.44
C PRO G 27 11.94 9.08 -24.57
N VAL G 28 11.80 10.39 -24.81
CA VAL G 28 10.48 11.00 -24.97
C VAL G 28 9.68 10.28 -26.04
N GLY G 29 10.33 9.95 -27.16
CA GLY G 29 9.63 9.25 -28.23
C GLY G 29 9.16 7.87 -27.83
N ARG G 30 10.01 7.11 -27.13
CA ARG G 30 9.62 5.79 -26.68
C ARG G 30 8.49 5.86 -25.65
N VAL G 31 8.53 6.87 -24.78
CA VAL G 31 7.46 7.04 -23.81
C VAL G 31 6.15 7.38 -24.52
N HIS G 32 6.21 8.21 -25.56
CA HIS G 32 5.02 8.53 -26.34
C HIS G 32 4.47 7.29 -27.02
N ARG G 33 5.35 6.45 -27.58
CA ARG G 33 4.90 5.23 -28.22
C ARG G 33 4.26 4.29 -27.21
N LEU G 34 4.85 4.16 -26.02
CA LEU G 34 4.25 3.31 -25.00
C LEU G 34 2.92 3.85 -24.53
N LEU G 35 2.79 5.18 -24.42
CA LEU G 35 1.52 5.77 -24.03
C LEU G 35 0.44 5.51 -25.07
N ARG G 36 0.80 5.60 -26.35
CA ARG G 36 -0.17 5.31 -27.40
C ARG G 36 -0.55 3.83 -27.40
N LYS G 37 0.43 2.95 -27.61
CA LYS G 37 0.18 1.52 -27.74
C LYS G 37 -0.21 0.86 -26.42
N GLY G 38 0.01 1.52 -25.29
CA GLY G 38 -0.45 1.02 -24.01
C GLY G 38 -1.90 1.32 -23.72
N ASN G 39 -2.64 1.86 -24.70
CA ASN G 39 -4.07 2.22 -24.66
C ASN G 39 -4.54 2.66 -23.27
N TYR G 40 -3.85 3.63 -22.69
CA TYR G 40 -4.37 4.26 -21.48
C TYR G 40 -5.48 5.26 -21.83
N ALA G 41 -5.35 5.95 -22.96
CA ALA G 41 -6.36 6.90 -23.39
C ALA G 41 -6.53 6.80 -24.89
N GLU G 42 -7.64 7.33 -25.38
CA GLU G 42 -7.91 7.30 -26.82
C GLU G 42 -6.89 8.11 -27.59
N ARG G 43 -6.52 9.28 -27.08
CA ARG G 43 -5.44 10.06 -27.66
C ARG G 43 -4.54 10.56 -26.55
N VAL G 44 -3.28 10.83 -26.90
CA VAL G 44 -2.27 11.28 -25.96
C VAL G 44 -1.76 12.63 -26.40
N GLY G 45 -1.77 13.60 -25.50
CA GLY G 45 -1.31 14.94 -25.84
C GLY G 45 0.19 15.00 -26.02
N ALA G 46 0.65 16.14 -26.53
CA ALA G 46 2.07 16.29 -26.84
C ALA G 46 2.92 16.53 -25.60
N GLY G 47 2.42 17.27 -24.62
CA GLY G 47 3.22 17.57 -23.45
C GLY G 47 3.35 16.42 -22.46
N ALA G 48 2.41 15.47 -22.51
CA ALA G 48 2.37 14.37 -21.57
C ALA G 48 3.61 13.49 -21.60
N PRO G 49 4.09 13.01 -22.76
CA PRO G 49 5.34 12.23 -22.75
C PRO G 49 6.54 13.01 -22.25
N VAL G 50 6.63 14.31 -22.55
CA VAL G 50 7.74 15.11 -22.06
C VAL G 50 7.69 15.19 -20.54
N TYR G 51 6.52 15.49 -19.99
CA TYR G 51 6.38 15.58 -18.54
C TYR G 51 6.71 14.25 -17.88
N LEU G 52 6.21 13.15 -18.46
CA LEU G 52 6.43 11.82 -17.91
C LEU G 52 7.91 11.45 -17.94
N ALA G 53 8.59 11.75 -19.05
CA ALA G 53 10.02 11.48 -19.14
C ALA G 53 10.81 12.30 -18.13
N ALA G 54 10.43 13.56 -17.91
CA ALA G 54 11.10 14.36 -16.89
C ALA G 54 10.91 13.75 -15.51
N VAL G 55 9.69 13.31 -15.19
CA VAL G 55 9.42 12.73 -13.88
C VAL G 55 10.23 11.44 -13.69
N LEU G 56 10.26 10.60 -14.72
CA LEU G 56 11.02 9.35 -14.65
C LEU G 56 12.50 9.64 -14.47
N GLU G 57 13.01 10.64 -15.19
CA GLU G 57 14.41 11.01 -15.05
C GLU G 57 14.72 11.49 -13.63
N TYR G 58 13.80 12.27 -13.04
CA TYR G 58 14.00 12.74 -11.68
C TYR G 58 14.08 11.56 -10.72
N LEU G 59 13.12 10.65 -10.81
CA LEU G 59 13.07 9.53 -9.87
C LEU G 59 14.29 8.62 -10.04
N THR G 60 14.70 8.39 -11.28
CA THR G 60 15.91 7.63 -11.54
C THR G 60 17.12 8.32 -10.93
N ALA G 61 17.20 9.64 -11.08
CA ALA G 61 18.33 10.38 -10.52
C ALA G 61 18.37 10.24 -9.01
N GLU G 62 17.21 10.36 -8.36
CA GLU G 62 17.18 10.23 -6.90
C GLU G 62 17.62 8.84 -6.45
N ILE G 63 17.05 7.80 -7.07
CA ILE G 63 17.36 6.44 -6.64
C ILE G 63 18.83 6.14 -6.88
N LEU G 64 19.36 6.54 -8.04
CA LEU G 64 20.75 6.26 -8.37
C LEU G 64 21.70 7.04 -7.47
N GLU G 65 21.37 8.29 -7.16
CA GLU G 65 22.22 9.08 -6.28
C GLU G 65 22.27 8.47 -4.87
N LEU G 66 21.11 8.08 -4.34
CA LEU G 66 21.09 7.49 -3.00
C LEU G 66 21.81 6.16 -2.98
N ALA G 67 21.61 5.33 -4.00
CA ALA G 67 22.28 4.04 -4.07
C ALA G 67 23.79 4.21 -4.21
N GLY G 68 24.23 5.18 -5.01
CA GLY G 68 25.65 5.42 -5.16
C GLY G 68 26.28 5.94 -3.88
N ASN G 69 25.57 6.81 -3.16
CA ASN G 69 26.07 7.26 -1.87
C ASN G 69 26.19 6.11 -0.90
N ALA G 70 25.20 5.21 -0.90
CA ALA G 70 25.27 4.03 -0.04
C ALA G 70 26.45 3.15 -0.40
N ALA G 71 26.69 2.96 -1.70
CA ALA G 71 27.83 2.15 -2.14
C ALA G 71 29.16 2.78 -1.76
N ARG G 72 29.29 4.09 -1.93
CA ARG G 72 30.54 4.76 -1.58
C ARG G 72 30.71 4.85 -0.07
N ASP G 73 29.64 4.66 0.69
CA ASP G 73 29.77 4.53 2.13
C ASP G 73 30.17 3.11 2.50
N ASN G 74 30.28 2.24 1.50
CA ASN G 74 30.77 0.88 1.71
C ASN G 74 32.06 0.64 0.93
N LYS G 75 32.64 1.72 0.42
CA LYS G 75 33.90 1.69 -0.31
C LYS G 75 33.83 0.76 -1.52
N LYS G 76 32.73 0.79 -2.26
CA LYS G 76 32.55 -0.03 -3.44
C LYS G 76 32.15 0.87 -4.61
N THR G 77 32.40 0.39 -5.83
CA THR G 77 32.17 1.19 -7.02
C THR G 77 31.01 0.74 -7.89
N ARG G 78 30.42 -0.43 -7.65
CA ARG G 78 29.29 -0.92 -8.41
C ARG G 78 28.05 -0.88 -7.53
N ILE G 79 26.98 -0.27 -8.04
CA ILE G 79 25.70 -0.26 -7.32
C ILE G 79 25.04 -1.62 -7.46
N ILE G 80 24.70 -2.22 -6.32
CA ILE G 80 24.17 -3.58 -6.29
C ILE G 80 22.77 -3.56 -5.66
N PRO G 81 22.00 -4.64 -5.78
CA PRO G 81 20.67 -4.66 -5.16
C PRO G 81 20.67 -4.37 -3.67
N ARG G 82 21.70 -4.78 -2.94
CA ARG G 82 21.78 -4.43 -1.53
C ARG G 82 21.86 -2.92 -1.35
N HIS G 83 22.66 -2.25 -2.19
CA HIS G 83 22.74 -0.80 -2.13
C HIS G 83 21.40 -0.15 -2.47
N LEU G 84 20.71 -0.68 -3.49
CA LEU G 84 19.41 -0.14 -3.86
C LEU G 84 18.41 -0.28 -2.71
N GLN G 85 18.39 -1.43 -2.06
CA GLN G 85 17.47 -1.64 -0.94
C GLN G 85 17.82 -0.72 0.23
N LEU G 86 19.12 -0.56 0.51
CA LEU G 86 19.53 0.37 1.56
C LEU G 86 19.05 1.78 1.27
N ALA G 87 19.22 2.25 0.03
CA ALA G 87 18.78 3.59 -0.33
C ALA G 87 17.27 3.72 -0.18
N VAL G 88 16.52 2.76 -0.71
CA VAL G 88 15.06 2.84 -0.70
C VAL G 88 14.54 2.83 0.73
N ARG G 89 15.06 1.93 1.56
CA ARG G 89 14.55 1.81 2.92
C ARG G 89 15.14 2.86 3.85
N ASN G 90 16.18 3.57 3.43
CA ASN G 90 16.73 4.66 4.20
C ASN G 90 16.10 6.00 3.88
N ASP G 91 15.50 6.14 2.70
CA ASP G 91 14.70 7.32 2.39
C ASP G 91 13.26 7.06 2.80
N GLU G 92 12.75 7.86 3.73
CA GLU G 92 11.39 7.66 4.22
C GLU G 92 10.36 7.87 3.12
N GLU G 93 10.56 8.91 2.31
CA GLU G 93 9.56 9.24 1.30
C GLU G 93 9.59 8.25 0.15
N LEU G 94 10.79 7.82 -0.25
CA LEU G 94 10.91 6.76 -1.25
C LEU G 94 10.37 5.44 -0.71
N ASN G 95 10.49 5.21 0.60
CA ASN G 95 9.87 4.05 1.21
C ASN G 95 8.34 4.12 1.13
N LYS G 96 7.76 5.29 1.40
CA LYS G 96 6.32 5.45 1.27
C LYS G 96 5.86 5.25 -0.17
N LEU G 97 6.64 5.75 -1.13
CA LEU G 97 6.34 5.48 -2.53
C LEU G 97 6.47 4.00 -2.85
N LEU G 98 7.41 3.32 -2.20
CA LEU G 98 7.72 1.93 -2.48
C LEU G 98 7.37 1.00 -1.32
N GLY G 99 6.20 1.15 -0.71
CA GLY G 99 5.87 0.34 0.46
C GLY G 99 5.67 -1.12 0.14
N ARG G 100 4.96 -1.43 -0.94
CA ARG G 100 4.57 -2.80 -1.26
C ARG G 100 5.57 -3.51 -2.14
N VAL G 101 6.85 -3.13 -2.07
CA VAL G 101 7.87 -3.62 -2.98
C VAL G 101 8.77 -4.64 -2.31
N THR G 102 9.07 -5.71 -3.05
CA THR G 102 10.10 -6.67 -2.70
C THR G 102 11.22 -6.59 -3.72
N ILE G 103 12.44 -6.36 -3.25
CA ILE G 103 13.60 -6.22 -4.11
C ILE G 103 14.44 -7.49 -4.00
N ALA G 104 14.77 -8.09 -5.14
CA ALA G 104 15.56 -9.31 -5.14
C ALA G 104 16.96 -9.06 -4.57
N GLN G 105 17.41 -9.98 -3.70
CA GLN G 105 18.64 -9.81 -2.92
C GLN G 105 18.67 -8.48 -2.19
N GLY G 106 17.51 -7.99 -1.76
CA GLY G 106 17.43 -6.73 -1.06
C GLY G 106 18.04 -6.76 0.32
N GLY G 107 17.79 -7.83 1.07
CA GLY G 107 18.17 -7.81 2.46
C GLY G 107 17.23 -6.93 3.25
N VAL G 108 17.65 -6.59 4.46
CA VAL G 108 16.87 -5.74 5.35
C VAL G 108 17.80 -4.73 6.01
N LEU G 109 17.24 -3.61 6.43
CA LEU G 109 18.00 -2.64 7.19
C LEU G 109 18.44 -3.25 8.51
N PRO G 110 19.65 -2.97 8.98
CA PRO G 110 20.04 -3.43 10.32
C PRO G 110 19.34 -2.63 11.40
N ASN G 111 18.44 -3.28 12.12
CA ASN G 111 17.78 -2.67 13.26
C ASN G 111 17.34 -3.76 14.22
N ILE G 112 17.56 -3.53 15.51
CA ILE G 112 17.15 -4.44 16.56
C ILE G 112 16.42 -3.62 17.62
N GLN G 113 15.34 -4.18 18.16
CA GLN G 113 14.62 -3.53 19.24
C GLN G 113 15.53 -3.35 20.45
N SER G 114 15.50 -2.14 21.03
CA SER G 114 16.45 -1.79 22.09
C SER G 114 16.32 -2.71 23.29
N VAL G 115 15.12 -3.26 23.50
CA VAL G 115 14.89 -4.17 24.63
C VAL G 115 15.79 -5.41 24.51
N LEU G 116 16.10 -5.82 23.28
CA LEU G 116 16.96 -6.99 23.08
C LEU G 116 18.42 -6.70 23.37
N LEU G 117 18.81 -5.43 23.52
CA LEU G 117 20.21 -5.18 23.85
C LEU G 117 20.36 -4.84 25.33
N PRO G 118 21.45 -5.28 25.95
CA PRO G 118 21.64 -5.03 27.39
C PRO G 118 21.94 -3.56 27.67
N CYS G 119 21.60 -3.15 28.88
CA CYS G 119 21.84 -1.78 29.33
C CYS G 119 22.44 -1.79 30.73
N THR H 33 14.64 -10.88 -32.10
CA THR H 33 13.90 -9.63 -32.16
C THR H 33 14.53 -8.57 -31.26
N ARG H 34 14.01 -7.35 -31.34
CA ARG H 34 14.48 -6.29 -30.46
C ARG H 34 13.60 -6.19 -29.22
N LYS H 35 14.23 -6.30 -28.06
CA LYS H 35 13.56 -6.19 -26.77
C LYS H 35 13.98 -4.87 -26.13
N GLU H 36 13.02 -3.99 -25.90
CA GLU H 36 13.32 -2.64 -25.44
C GLU H 36 13.44 -2.60 -23.92
N SER H 37 14.24 -1.64 -23.45
CA SER H 37 14.44 -1.43 -22.02
C SER H 37 14.94 0.00 -21.83
N TYR H 38 15.32 0.30 -20.60
CA TYR H 38 15.80 1.62 -20.23
C TYR H 38 17.27 1.64 -19.89
N ALA H 39 18.04 0.67 -20.40
CA ALA H 39 19.42 0.48 -19.96
C ALA H 39 20.28 1.69 -20.29
N ILE H 40 20.25 2.12 -21.56
CA ILE H 40 21.08 3.25 -21.97
C ILE H 40 20.70 4.51 -21.22
N TYR H 41 19.40 4.75 -21.06
CA TYR H 41 18.93 6.00 -20.46
C TYR H 41 19.31 6.07 -18.98
N VAL H 42 19.07 4.98 -18.25
CA VAL H 42 19.44 4.95 -16.84
C VAL H 42 20.95 5.04 -16.68
N TYR H 43 21.71 4.45 -17.63
CA TYR H 43 23.15 4.57 -17.58
C TYR H 43 23.60 6.01 -17.80
N LYS H 44 22.97 6.73 -18.72
CA LYS H 44 23.28 8.15 -18.89
C LYS H 44 22.98 8.94 -17.62
N VAL H 45 21.87 8.63 -16.97
CA VAL H 45 21.57 9.30 -15.70
C VAL H 45 22.64 9.01 -14.66
N LEU H 46 23.09 7.75 -14.57
CA LEU H 46 24.11 7.38 -13.60
C LEU H 46 25.42 8.09 -13.89
N LYS H 47 25.80 8.19 -15.16
CA LYS H 47 27.00 8.93 -15.52
C LYS H 47 26.86 10.41 -15.24
N GLN H 48 25.65 10.95 -15.35
CA GLN H 48 25.44 12.35 -15.00
C GLN H 48 25.64 12.59 -13.52
N VAL H 49 25.16 11.67 -12.67
CA VAL H 49 25.23 11.94 -11.24
C VAL H 49 26.61 11.56 -10.68
N HIS H 50 27.01 10.29 -10.81
CA HIS H 50 28.30 9.81 -10.29
C HIS H 50 29.14 9.31 -11.47
N PRO H 51 30.15 10.07 -11.87
CA PRO H 51 30.95 9.68 -13.05
C PRO H 51 31.65 8.34 -12.91
N ASP H 52 32.13 7.99 -11.71
CA ASP H 52 33.00 6.84 -11.55
C ASP H 52 32.28 5.60 -11.01
N THR H 53 30.96 5.64 -10.89
CA THR H 53 30.20 4.55 -10.29
C THR H 53 29.65 3.65 -11.39
N GLY H 54 29.86 2.34 -11.23
CA GLY H 54 29.35 1.35 -12.16
C GLY H 54 28.03 0.75 -11.70
N ILE H 55 27.43 -0.03 -12.57
CA ILE H 55 26.12 -0.64 -12.33
C ILE H 55 26.18 -2.12 -12.69
N SER H 56 25.51 -2.94 -11.88
CA SER H 56 25.47 -4.38 -12.14
C SER H 56 24.21 -4.75 -12.89
N SER H 57 24.17 -6.00 -13.38
CA SER H 57 23.05 -6.45 -14.21
C SER H 57 21.77 -6.57 -13.38
N LYS H 58 21.86 -7.16 -12.19
CA LYS H 58 20.67 -7.36 -11.37
C LYS H 58 20.11 -6.02 -10.89
N ALA H 59 20.99 -5.13 -10.43
CA ALA H 59 20.55 -3.80 -10.05
C ALA H 59 20.00 -3.04 -11.24
N MET H 60 20.56 -3.31 -12.43
CA MET H 60 20.09 -2.65 -13.63
C MET H 60 18.68 -3.11 -13.98
N SER H 61 18.42 -4.41 -13.81
CA SER H 61 17.07 -4.94 -14.00
C SER H 61 16.10 -4.37 -12.98
N ILE H 62 16.56 -4.20 -11.74
CA ILE H 62 15.72 -3.55 -10.72
C ILE H 62 15.37 -2.13 -11.14
N MET H 63 16.37 -1.42 -11.68
CA MET H 63 16.13 -0.06 -12.16
C MET H 63 15.10 -0.04 -13.28
N ASN H 64 15.24 -0.97 -14.23
CA ASN H 64 14.28 -1.03 -15.34
C ASN H 64 12.88 -1.33 -14.84
N SER H 65 12.76 -2.27 -13.90
CA SER H 65 11.45 -2.60 -13.35
C SER H 65 10.86 -1.41 -12.58
N PHE H 66 11.71 -0.65 -11.89
CA PHE H 66 11.24 0.50 -11.14
C PHE H 66 10.70 1.57 -12.08
N VAL H 67 11.43 1.84 -13.15
CA VAL H 67 10.97 2.83 -14.13
C VAL H 67 9.68 2.38 -14.78
N ASN H 68 9.60 1.09 -15.12
CA ASN H 68 8.38 0.56 -15.74
C ASN H 68 7.19 0.67 -14.80
N ASP H 69 7.37 0.32 -13.53
CA ASP H 69 6.27 0.35 -12.58
C ASP H 69 5.80 1.78 -12.32
N VAL H 70 6.75 2.72 -12.18
CA VAL H 70 6.36 4.10 -11.96
C VAL H 70 5.64 4.65 -13.18
N PHE H 71 6.14 4.31 -14.38
CA PHE H 71 5.46 4.67 -15.62
C PHE H 71 4.03 4.13 -15.64
N GLU H 72 3.87 2.85 -15.31
CA GLU H 72 2.56 2.23 -15.26
C GLU H 72 1.62 2.92 -14.29
N ARG H 73 2.05 3.11 -13.04
CA ARG H 73 1.21 3.76 -12.04
C ARG H 73 0.81 5.16 -12.48
N ILE H 74 1.80 5.95 -12.92
CA ILE H 74 1.55 7.36 -13.21
C ILE H 74 0.64 7.49 -14.42
N ALA H 75 0.96 6.77 -15.50
CA ALA H 75 0.17 6.90 -16.72
C ALA H 75 -1.21 6.31 -16.54
N GLY H 76 -1.34 5.20 -15.80
CA GLY H 76 -2.66 4.68 -15.50
C GLY H 76 -3.49 5.65 -14.70
N GLU H 77 -2.89 6.29 -13.69
CA GLU H 77 -3.59 7.30 -12.92
C GLU H 77 -4.06 8.44 -13.80
N ALA H 78 -3.21 8.86 -14.73
CA ALA H 78 -3.61 9.91 -15.66
C ALA H 78 -4.78 9.47 -16.52
N SER H 79 -4.74 8.21 -16.97
CA SER H 79 -5.84 7.67 -17.76
C SER H 79 -7.14 7.67 -16.98
N ARG H 80 -7.09 7.23 -15.72
CA ARG H 80 -8.31 7.22 -14.94
C ARG H 80 -8.81 8.64 -14.69
N LEU H 81 -7.91 9.59 -14.39
CA LEU H 81 -8.34 10.97 -14.14
C LEU H 81 -8.99 11.58 -15.37
N ALA H 82 -8.39 11.36 -16.55
CA ALA H 82 -9.00 11.84 -17.78
C ALA H 82 -10.36 11.19 -18.01
N HIS H 83 -10.49 9.90 -17.70
CA HIS H 83 -11.79 9.24 -17.82
C HIS H 83 -12.81 9.87 -16.88
N TYR H 84 -12.42 10.17 -15.64
CA TYR H 84 -13.40 10.68 -14.69
C TYR H 84 -13.86 12.07 -15.08
N ASN H 85 -12.93 12.93 -15.51
CA ASN H 85 -13.28 14.27 -15.93
C ASN H 85 -13.89 14.30 -17.33
N LYS H 86 -14.26 13.14 -17.86
CA LYS H 86 -14.90 12.99 -19.17
C LYS H 86 -14.02 13.59 -20.27
N ARG H 87 -12.71 13.43 -20.12
CA ARG H 87 -11.73 13.91 -21.06
C ARG H 87 -11.08 12.74 -21.77
N SER H 88 -11.07 12.77 -23.10
CA SER H 88 -10.55 11.64 -23.85
C SER H 88 -9.05 11.74 -24.13
N THR H 89 -8.41 12.85 -23.76
CA THR H 89 -7.01 13.08 -24.04
C THR H 89 -6.23 13.23 -22.74
N ILE H 90 -4.99 12.76 -22.75
CA ILE H 90 -4.09 12.89 -21.61
C ILE H 90 -3.10 14.01 -21.92
N THR H 91 -3.00 14.98 -21.01
CA THR H 91 -2.10 16.10 -21.18
C THR H 91 -1.16 16.22 -20.00
N SER H 92 -0.28 17.23 -20.07
CA SER H 92 0.62 17.52 -18.98
C SER H 92 -0.11 17.83 -17.69
N ARG H 93 -1.30 18.44 -17.78
CA ARG H 93 -2.09 18.69 -16.56
C ARG H 93 -2.51 17.38 -15.90
N GLU H 94 -2.98 16.41 -16.69
CA GLU H 94 -3.32 15.12 -16.11
C GLU H 94 -2.10 14.42 -15.53
N ILE H 95 -0.96 14.49 -16.22
CA ILE H 95 0.25 13.86 -15.70
C ILE H 95 0.66 14.55 -14.40
N GLN H 96 0.47 15.87 -14.32
CA GLN H 96 0.87 16.62 -13.13
C GLN H 96 -0.02 16.31 -11.95
N THR H 97 -1.33 16.21 -12.18
CA THR H 97 -2.21 15.81 -11.09
C THR H 97 -1.92 14.37 -10.67
N ALA H 98 -1.51 13.53 -11.64
CA ALA H 98 -1.16 12.15 -11.32
C ALA H 98 0.07 12.08 -10.41
N VAL H 99 1.11 12.86 -10.73
CA VAL H 99 2.32 12.81 -9.90
C VAL H 99 2.02 13.42 -8.53
N ARG H 100 1.20 14.47 -8.50
CA ARG H 100 0.83 15.06 -7.21
C ARG H 100 0.01 14.07 -6.38
N LEU H 101 -0.76 13.20 -7.03
CA LEU H 101 -1.45 12.14 -6.32
C LEU H 101 -0.48 11.10 -5.77
N LEU H 102 0.41 10.60 -6.62
CA LEU H 102 1.17 9.41 -6.27
C LEU H 102 2.41 9.74 -5.45
N LEU H 103 3.25 10.66 -5.93
CA LEU H 103 4.45 11.03 -5.18
C LEU H 103 4.08 11.89 -3.99
N PRO H 104 4.53 11.55 -2.78
CA PRO H 104 4.16 12.33 -1.60
C PRO H 104 5.02 13.58 -1.45
N GLY H 105 4.38 14.69 -1.10
CA GLY H 105 5.06 15.82 -0.48
C GLY H 105 6.18 16.42 -1.29
N GLU H 106 7.41 16.28 -0.76
CA GLU H 106 8.58 16.90 -1.36
C GLU H 106 8.88 16.32 -2.73
N LEU H 107 8.69 15.00 -2.88
CA LEU H 107 8.85 14.37 -4.19
C LEU H 107 7.90 14.96 -5.20
N ALA H 108 6.64 15.14 -4.83
CA ALA H 108 5.67 15.75 -5.73
C ALA H 108 6.06 17.18 -6.08
N LYS H 109 6.48 17.96 -5.08
CA LYS H 109 6.85 19.35 -5.32
C LYS H 109 7.98 19.45 -6.35
N HIS H 110 9.07 18.74 -6.13
CA HIS H 110 10.20 18.87 -7.04
C HIS H 110 9.96 18.14 -8.35
N ALA H 111 9.16 17.07 -8.37
CA ALA H 111 8.81 16.44 -9.63
C ALA H 111 8.01 17.38 -10.51
N VAL H 112 7.04 18.07 -9.93
CA VAL H 112 6.30 19.08 -10.68
C VAL H 112 7.23 20.17 -11.15
N SER H 113 8.19 20.59 -10.31
CA SER H 113 9.12 21.64 -10.71
C SER H 113 9.95 21.22 -11.93
N GLU H 114 10.60 20.05 -11.86
CA GLU H 114 11.44 19.60 -12.97
C GLU H 114 10.62 19.34 -14.22
N GLY H 115 9.45 18.72 -14.08
CA GLY H 115 8.61 18.50 -15.24
C GLY H 115 8.17 19.81 -15.90
N THR H 116 7.78 20.79 -15.08
CA THR H 116 7.32 22.06 -15.64
C THR H 116 8.46 22.79 -16.33
N LYS H 117 9.67 22.76 -15.76
CA LYS H 117 10.78 23.41 -16.44
C LYS H 117 11.12 22.69 -17.74
N ALA H 118 11.03 21.36 -17.76
CA ALA H 118 11.26 20.61 -19.00
C ALA H 118 10.22 20.96 -20.06
N VAL H 119 8.95 21.05 -19.66
CA VAL H 119 7.89 21.37 -20.60
C VAL H 119 8.07 22.79 -21.13
N THR H 120 8.45 23.74 -20.27
CA THR H 120 8.68 25.10 -20.74
C THR H 120 9.83 25.14 -21.73
N LYS H 121 10.91 24.39 -21.45
CA LYS H 121 12.02 24.34 -22.40
C LYS H 121 11.59 23.75 -23.73
N TYR H 122 10.79 22.67 -23.69
CA TYR H 122 10.36 22.03 -24.92
C TYR H 122 9.44 22.95 -25.73
N THR H 123 8.54 23.67 -25.07
CA THR H 123 7.67 24.60 -25.76
C THR H 123 8.42 25.81 -26.31
N SER H 124 9.46 26.27 -25.59
CA SER H 124 10.29 27.35 -26.12
C SER H 124 11.06 26.88 -27.36
N ALA H 125 11.55 25.65 -27.34
CA ALA H 125 12.24 25.09 -28.49
C ALA H 125 11.26 24.83 -29.64
N PHE K 24 33.75 21.10 0.67
CA PHE K 24 33.02 20.53 1.80
C PHE K 24 31.52 20.68 1.62
N TRP K 25 30.77 19.83 2.31
CA TRP K 25 29.33 19.99 2.46
C TRP K 25 28.99 20.05 3.94
N ASP K 26 28.08 20.95 4.30
CA ASP K 26 27.65 21.07 5.69
C ASP K 26 26.48 20.11 5.92
N CYS K 27 26.45 19.51 7.11
CA CYS K 27 25.40 18.55 7.43
C CYS K 27 24.06 19.25 7.56
N SER K 28 22.98 18.48 7.38
CA SER K 28 21.64 19.03 7.55
C SER K 28 21.09 18.73 8.94
N VAL K 29 21.49 17.59 9.51
CA VAL K 29 20.93 17.17 10.79
C VAL K 29 21.73 17.77 11.95
N CYS K 30 23.04 17.60 11.94
CA CYS K 30 23.89 18.13 12.99
C CYS K 30 24.73 19.33 12.54
N THR K 31 24.67 19.70 11.25
CA THR K 31 25.34 20.84 10.65
C THR K 31 26.84 20.83 10.86
N PHE K 32 27.51 19.68 10.82
CA PHE K 32 28.96 19.67 10.95
C PHE K 32 29.60 19.73 9.56
N ARG K 33 30.76 20.35 9.49
CA ARG K 33 31.47 20.62 8.22
C ARG K 33 32.07 19.32 7.71
N ASN K 34 31.27 18.51 7.00
CA ASN K 34 31.75 17.28 6.41
C ASN K 34 32.59 17.58 5.19
N SER K 35 33.64 16.78 4.98
CA SER K 35 34.49 16.95 3.82
C SER K 35 33.79 16.45 2.57
N ALA K 36 34.38 16.75 1.41
CA ALA K 36 33.80 16.35 0.13
C ALA K 36 33.75 14.84 -0.03
N GLU K 37 34.61 14.09 0.65
CA GLU K 37 34.64 12.64 0.51
C GLU K 37 33.69 11.92 1.44
N ALA K 38 33.09 12.62 2.40
CA ALA K 38 32.19 12.00 3.36
C ALA K 38 30.78 11.91 2.78
N PHE K 39 30.37 10.70 2.43
CA PHE K 39 29.01 10.44 1.96
C PHE K 39 28.05 10.11 3.09
N LYS K 40 28.54 9.92 4.30
CA LYS K 40 27.73 9.88 5.50
C LYS K 40 28.37 10.80 6.53
N CYS K 41 27.55 11.40 7.39
CA CYS K 41 28.07 12.37 8.35
C CYS K 41 28.95 11.66 9.37
N SER K 42 29.98 12.37 9.84
CA SER K 42 30.95 11.77 10.75
C SER K 42 30.34 11.43 12.10
N ILE K 43 29.56 12.34 12.69
CA ILE K 43 29.10 12.17 14.06
C ILE K 43 27.65 11.68 14.12
N CYS K 44 26.70 12.43 13.57
CA CYS K 44 25.30 12.02 13.62
C CYS K 44 24.97 10.96 12.58
N ASP K 45 25.87 10.72 11.63
CA ASP K 45 25.77 9.61 10.67
C ASP K 45 24.50 9.70 9.83
N VAL K 46 24.37 10.80 9.09
CA VAL K 46 23.28 10.98 8.14
C VAL K 46 23.86 11.01 6.72
N ARG K 47 23.09 10.51 5.76
CA ARG K 47 23.56 10.47 4.38
C ARG K 47 23.45 11.85 3.74
N LYS K 48 24.21 12.06 2.66
CA LYS K 48 24.14 13.32 1.94
C LYS K 48 22.81 13.46 1.22
N GLY K 49 22.32 14.69 1.15
CA GLY K 49 21.15 15.00 0.35
C GLY K 49 21.49 15.88 -0.83
N THR K 50 20.50 16.05 -1.70
CA THR K 50 20.69 16.89 -2.88
C THR K 50 20.71 18.37 -2.48
N SER K 51 21.27 19.18 -3.38
CA SER K 51 21.20 20.63 -3.19
C SER K 51 19.75 21.12 -3.26
N THR K 52 18.89 20.38 -3.96
CA THR K 52 17.49 20.73 -4.10
C THR K 52 16.65 20.25 -2.92
N ARG K 53 16.83 19.00 -2.50
CA ARG K 53 16.09 18.42 -1.39
C ARG K 53 17.05 18.11 -0.25
N LYS K 54 16.77 18.64 0.95
CA LYS K 54 17.64 18.37 2.12
C LYS K 54 17.03 17.25 2.99
N PRO K 55 17.83 16.43 3.71
CA PRO K 55 17.26 15.39 4.59
C PRO K 55 16.35 15.94 5.67
N ARG K 56 15.58 15.06 6.31
CA ARG K 56 14.62 15.50 7.36
C ARG K 56 15.06 14.94 8.72
N ILE K 57 14.31 15.25 9.79
CA ILE K 57 14.66 14.79 11.17
C ILE K 57 14.87 13.26 11.17
N MET L 1 23.40 37.24 29.07
CA MET L 1 23.50 36.70 27.72
C MET L 1 23.16 35.22 27.76
N GLN L 2 22.11 34.84 27.03
CA GLN L 2 21.64 33.46 27.02
C GLN L 2 22.00 32.78 25.70
N ILE L 3 22.15 31.46 25.75
CA ILE L 3 22.40 30.64 24.57
C ILE L 3 21.42 29.47 24.57
N PHE L 4 21.20 28.93 23.37
CA PHE L 4 20.19 27.91 23.14
C PHE L 4 20.85 26.69 22.53
N VAL L 5 20.58 25.51 23.10
CA VAL L 5 21.19 24.26 22.67
C VAL L 5 20.08 23.32 22.21
N LYS L 6 20.25 22.74 21.02
CA LYS L 6 19.27 21.82 20.45
C LYS L 6 19.77 20.39 20.59
N THR L 7 18.88 19.49 21.00
CA THR L 7 19.19 18.07 21.11
C THR L 7 18.69 17.32 19.88
N LEU L 8 18.81 15.99 19.95
CA LEU L 8 18.45 15.15 18.81
C LEU L 8 16.95 14.92 18.69
N THR L 9 16.17 15.14 19.75
CA THR L 9 14.73 15.00 19.70
C THR L 9 14.01 16.34 19.65
N GLY L 10 14.72 17.43 19.36
CA GLY L 10 14.09 18.72 19.24
C GLY L 10 13.85 19.45 20.54
N LYS L 11 14.31 18.92 21.66
CA LYS L 11 14.18 19.58 22.94
C LYS L 11 15.29 20.61 23.09
N THR L 12 14.89 21.86 23.37
CA THR L 12 15.82 22.98 23.42
C THR L 12 16.09 23.36 24.87
N ILE L 13 17.36 23.52 25.21
CA ILE L 13 17.80 23.86 26.55
C ILE L 13 18.39 25.25 26.54
N THR L 14 18.09 26.03 27.58
CA THR L 14 18.56 27.39 27.73
C THR L 14 19.70 27.43 28.74
N LEU L 15 20.79 28.09 28.36
CA LEU L 15 21.95 28.23 29.23
C LEU L 15 22.30 29.71 29.39
N GLU L 16 22.75 30.06 30.59
CA GLU L 16 23.18 31.42 30.91
C GLU L 16 24.69 31.45 31.04
N VAL L 17 25.37 32.02 30.05
CA VAL L 17 26.83 32.04 29.98
C VAL L 17 27.29 33.44 29.59
N GLU L 18 28.60 33.57 29.44
CA GLU L 18 29.30 34.74 28.97
C GLU L 18 30.30 34.32 27.88
N PRO L 19 30.69 35.23 26.98
CA PRO L 19 31.60 34.84 25.89
C PRO L 19 32.95 34.33 26.37
N SER L 20 33.34 34.68 27.60
CA SER L 20 34.64 34.31 28.14
C SER L 20 34.71 32.87 28.63
N ASP L 21 33.58 32.21 28.85
CA ASP L 21 33.60 30.83 29.35
C ASP L 21 34.05 29.87 28.26
N THR L 22 34.73 28.80 28.68
CA THR L 22 35.23 27.80 27.75
C THR L 22 34.13 26.81 27.39
N ILE L 23 34.45 25.94 26.44
CA ILE L 23 33.48 24.95 25.97
C ILE L 23 33.22 23.91 27.04
N GLU L 24 34.26 23.54 27.79
CA GLU L 24 34.08 22.58 28.88
C GLU L 24 33.18 23.16 29.97
N ASN L 25 33.19 24.49 30.13
CA ASN L 25 32.25 25.12 31.05
C ASN L 25 30.81 24.90 30.60
N VAL L 26 30.57 25.04 29.29
CA VAL L 26 29.23 24.78 28.76
C VAL L 26 28.84 23.32 28.95
N LYS L 27 29.80 22.42 28.71
CA LYS L 27 29.54 20.99 28.91
C LYS L 27 29.22 20.68 30.36
N ALA L 28 29.95 21.27 31.29
CA ALA L 28 29.70 21.06 32.71
C ALA L 28 28.34 21.63 33.12
N LYS L 29 27.97 22.77 32.54
CA LYS L 29 26.64 23.33 32.82
C LYS L 29 25.54 22.41 32.30
N ILE L 30 25.74 21.85 31.10
CA ILE L 30 24.78 20.88 30.56
C ILE L 30 24.67 19.66 31.46
N GLN L 31 25.81 19.19 31.97
CA GLN L 31 25.80 18.07 32.92
C GLN L 31 25.06 18.46 34.20
N ASP L 32 25.22 19.72 34.63
CA ASP L 32 24.60 20.16 35.87
C ASP L 32 23.08 20.22 35.77
N LYS L 33 22.57 20.84 34.70
CA LYS L 33 21.12 21.01 34.61
C LYS L 33 20.41 19.92 33.81
N GLU L 34 21.16 18.97 33.24
CA GLU L 34 20.55 17.91 32.44
C GLU L 34 21.11 16.53 32.73
N GLY L 35 22.25 16.41 33.40
CA GLY L 35 22.84 15.11 33.65
C GLY L 35 23.63 14.53 32.51
N ILE L 36 24.04 15.33 31.54
CA ILE L 36 24.79 14.84 30.39
C ILE L 36 26.27 15.17 30.58
N PRO L 37 27.11 14.19 30.89
CA PRO L 37 28.53 14.47 31.18
C PRO L 37 29.26 15.01 29.97
N PRO L 38 30.32 15.79 30.17
CA PRO L 38 31.04 16.39 29.03
C PRO L 38 31.58 15.37 28.05
N ASP L 39 31.94 14.17 28.50
CA ASP L 39 32.43 13.15 27.59
C ASP L 39 31.37 12.65 26.62
N GLN L 40 30.08 12.78 26.97
CA GLN L 40 28.99 12.41 26.08
C GLN L 40 28.57 13.52 25.14
N GLN L 41 29.11 14.73 25.29
CA GLN L 41 28.63 15.87 24.52
C GLN L 41 29.53 16.15 23.33
N ARG L 42 28.90 16.40 22.17
CA ARG L 42 29.58 16.88 20.99
C ARG L 42 28.83 18.11 20.50
N LEU L 43 29.50 19.26 20.48
CA LEU L 43 28.85 20.54 20.28
C LEU L 43 29.19 21.08 18.91
N ILE L 44 28.17 21.50 18.16
CA ILE L 44 28.34 22.05 16.82
C ILE L 44 27.77 23.46 16.78
N PHE L 45 28.56 24.39 16.25
CA PHE L 45 28.12 25.76 15.98
C PHE L 45 28.89 26.26 14.76
N ALA L 46 28.16 26.80 13.79
CA ALA L 46 28.73 27.35 12.56
C ALA L 46 29.60 26.32 11.84
N GLY L 47 29.13 25.07 11.84
CA GLY L 47 29.84 24.00 11.17
C GLY L 47 31.19 23.66 11.77
N LYS L 48 31.30 23.63 13.10
CA LYS L 48 32.54 23.29 13.77
C LYS L 48 32.27 22.49 15.03
N GLN L 49 33.03 21.41 15.22
CA GLN L 49 33.06 20.69 16.48
C GLN L 49 33.90 21.50 17.47
N LEU L 50 33.23 22.13 18.42
CA LEU L 50 33.89 23.05 19.33
C LEU L 50 34.81 22.29 20.28
N GLU L 51 36.10 22.56 20.19
CA GLU L 51 37.11 21.92 21.00
C GLU L 51 36.98 22.37 22.45
N ASP L 52 37.18 21.44 23.38
CA ASP L 52 36.83 21.68 24.78
C ASP L 52 37.66 22.79 25.39
N GLY L 53 38.95 22.88 25.04
CA GLY L 53 39.82 23.85 25.66
C GLY L 53 39.61 25.29 25.22
N ARG L 54 38.96 25.52 24.08
CA ARG L 54 38.75 26.87 23.59
C ARG L 54 37.56 27.51 24.29
N THR L 55 37.38 28.80 24.04
CA THR L 55 36.31 29.58 24.66
C THR L 55 35.24 29.93 23.62
N LEU L 56 34.17 30.55 24.10
CA LEU L 56 33.05 30.89 23.22
C LEU L 56 33.44 32.00 22.25
N SER L 57 34.26 32.96 22.69
CA SER L 57 34.63 34.07 21.82
C SER L 57 35.50 33.63 20.66
N ASP L 58 36.19 32.49 20.80
CA ASP L 58 36.97 31.95 19.69
C ASP L 58 36.08 31.55 18.52
N TYR L 59 34.93 30.95 18.82
CA TYR L 59 34.00 30.49 17.80
C TYR L 59 32.96 31.53 17.42
N ASN L 60 33.06 32.75 17.97
CA ASN L 60 32.16 33.85 17.66
C ASN L 60 30.70 33.50 17.99
N ILE L 61 30.49 32.95 19.18
CA ILE L 61 29.16 32.64 19.67
C ILE L 61 28.58 33.90 20.31
N GLN L 62 27.49 34.40 19.74
CA GLN L 62 26.84 35.60 20.23
C GLN L 62 25.58 35.24 21.02
N LYS L 63 24.82 36.28 21.38
CA LYS L 63 23.62 36.09 22.17
C LYS L 63 22.58 35.28 21.40
N GLU L 64 21.91 34.39 22.12
CA GLU L 64 20.87 33.51 21.58
C GLU L 64 21.36 32.67 20.41
N SER L 65 22.61 32.23 20.46
CA SER L 65 23.18 31.45 19.36
C SER L 65 22.52 30.08 19.29
N THR L 66 22.53 29.50 18.09
CA THR L 66 21.99 28.16 17.85
C THR L 66 23.10 27.14 17.98
N LEU L 67 22.98 26.27 18.97
CA LEU L 67 23.96 25.23 19.25
C LEU L 67 23.33 23.86 19.08
N HIS L 68 24.09 22.93 18.51
CA HIS L 68 23.63 21.56 18.31
C HIS L 68 24.41 20.63 19.21
N LEU L 69 23.69 19.79 19.96
CA LEU L 69 24.30 18.85 20.90
C LEU L 69 24.05 17.43 20.42
N VAL L 70 25.11 16.63 20.34
CA VAL L 70 25.05 15.25 19.90
C VAL L 70 25.60 14.38 21.02
N LEU L 71 24.84 13.33 21.37
CA LEU L 71 25.25 12.38 22.40
C LEU L 71 25.66 11.07 21.75
N ARG L 72 26.70 10.45 22.29
CA ARG L 72 27.20 9.17 21.80
C ARG L 72 27.68 8.35 22.99
#